data_3L0I
#
_entry.id   3L0I
#
_cell.length_a   63.808
_cell.length_b   71.747
_cell.length_c   146.911
_cell.angle_alpha   90.000
_cell.angle_beta   93.620
_cell.angle_gamma   90.000
#
_symmetry.space_group_name_H-M   'P 1 21 1'
#
loop_
_entity.id
_entity.type
_entity.pdbx_description
1 polymer DrrA
2 polymer 'Ras-related protein Rab-1A'
3 non-polymer 'SULFATE ION'
4 non-polymer 'CHLORIDE ION'
5 water water
#
loop_
_entity_poly.entity_id
_entity_poly.type
_entity_poly.pdbx_seq_one_letter_code
_entity_poly.pdbx_strand_id
1 'polypeptide(L)'
;GPLGSPRYELGEELRDKIKQEPSFSN(MSE)VSAKKFYNKAIKDFTAPKEGAEVVSVKTHI(MSE)RPIDF(MSE)L
(MSE)GLREEFNLYSEDGAHLSAPGTIRLLREKNLLPEEQIARIESVYNQA(MSE)SKRFELHAEHKKEHDE(MSE)PYS
DAKA(MSE)LDEVAKIRELGVQRVTRIENLENAKKLWDNANS(MSE)LEKGNISGYLKAANELHKF(MSE)KEKNLKEDD
LRPELSDKTISPKGYAILQSLWGAASDYSRAAATLTESTVEPGLVSAVNK(MSE)SAFF(MSE)DCKLSPNERATPDPDF
KVGKSKILVGI(MSE)QFIKDVADPTSKIW(MSE)HNTKAL(MSE)NHKIAAIQKLERSNNVNDETLESVLSSKGENLSE
YLSYKYATKDEGREHRYTASTE
;
A,C
2 'polypeptide(L)'
;(MSE)GSSHHHHHHSSGENLYFQGRP(MSE)SS(MSE)NPEYDYLFKLLLIGDSGVGKSCLLLRFADDTYTESYISTIGV
DFKIRTIELDGKTIKLQIWDTAGQERFRTITSSYYRGAHGIIVVYDVTDQESFNNVKQWLQEIDRYASENVNKLLVGNKC
DLTTKKVVDYTTAKEFADSLGIPFLETSAKNATNVEQSF(MSE)T(MSE)AAEIKKR(MSE)G
;
B,D
#
loop_
_chem_comp.id
_chem_comp.type
_chem_comp.name
_chem_comp.formula
CL non-polymer 'CHLORIDE ION' 'Cl -1'
SO4 non-polymer 'SULFATE ION' 'O4 S -2'
#
# COMPACT_ATOMS: atom_id res chain seq x y z
N SER A 23 -45.61 2.33 28.91
CA SER A 23 -45.43 3.40 27.90
C SER A 23 -45.19 4.76 28.56
N PHE A 24 -45.94 5.78 28.15
CA PHE A 24 -45.89 7.09 28.79
C PHE A 24 -46.73 7.10 30.07
N SER A 25 -47.15 5.91 30.50
CA SER A 25 -47.84 5.72 31.78
C SER A 25 -46.86 5.95 32.91
N ASN A 26 -46.75 7.21 33.33
CA ASN A 26 -45.75 7.66 34.29
C ASN A 26 -45.36 6.61 35.32
N MSE A 27 -44.23 5.95 35.06
CA MSE A 27 -43.65 5.00 36.00
C MSE A 27 -43.09 5.73 37.23
O MSE A 27 -42.78 5.11 38.25
CB MSE A 27 -42.56 4.16 35.34
CG MSE A 27 -43.09 2.93 34.64
SE MSE A 27 -41.73 1.96 33.63
CE MSE A 27 -40.44 1.62 35.04
N VAL A 28 -42.99 7.05 37.10
CA VAL A 28 -42.69 7.94 38.23
C VAL A 28 -43.85 7.92 39.22
N SER A 29 -45.05 7.58 38.73
CA SER A 29 -46.22 7.38 39.59
C SER A 29 -46.35 5.93 40.04
N ALA A 30 -45.95 5.00 39.19
CA ALA A 30 -45.91 3.59 39.57
C ALA A 30 -45.02 3.40 40.79
N LYS A 31 -43.92 4.16 40.84
CA LYS A 31 -43.00 4.15 41.97
C LYS A 31 -43.48 5.04 43.12
N LYS A 32 -44.45 5.91 42.84
CA LYS A 32 -45.15 6.69 43.88
C LYS A 32 -46.06 5.74 44.66
N PHE A 33 -46.81 4.93 43.92
CA PHE A 33 -47.70 3.93 44.51
C PHE A 33 -46.94 2.85 45.26
N TYR A 34 -45.74 2.54 44.77
CA TYR A 34 -44.88 1.53 45.41
C TYR A 34 -44.22 2.06 46.68
N ASN A 35 -43.75 3.30 46.64
CA ASN A 35 -43.16 3.94 47.81
C ASN A 35 -44.18 4.15 48.92
N LYS A 36 -45.43 4.42 48.53
CA LYS A 36 -46.53 4.56 49.46
C LYS A 36 -46.90 3.23 50.14
N ALA A 37 -46.75 2.14 49.39
CA ALA A 37 -46.94 0.80 49.93
C ALA A 37 -45.76 0.37 50.82
N ILE A 38 -44.60 0.98 50.58
CA ILE A 38 -43.40 0.73 51.38
C ILE A 38 -43.22 1.81 52.45
N PHE A 41 -48.21 0.33 56.07
CA PHE A 41 -47.31 0.10 54.94
C PHE A 41 -46.03 -0.56 55.43
N THR A 42 -45.32 0.15 56.30
CA THR A 42 -44.16 -0.39 57.00
C THR A 42 -44.61 -1.11 58.28
N ALA A 43 -43.76 -2.00 58.79
CA ALA A 43 -44.05 -2.84 59.95
C ALA A 43 -44.43 -2.05 61.22
N PRO A 44 -45.15 -2.69 62.17
CA PRO A 44 -45.52 -2.03 63.42
C PRO A 44 -44.37 -2.06 64.44
N LYS A 45 -44.44 -1.18 65.42
CA LYS A 45 -43.40 -1.06 66.45
C LYS A 45 -43.35 -2.29 67.35
N ALA A 48 -45.61 -4.00 71.53
CA ALA A 48 -45.83 -4.62 70.22
C ALA A 48 -47.21 -4.26 69.65
N GLU A 49 -48.19 -4.14 70.54
CA GLU A 49 -49.59 -3.79 70.19
C GLU A 49 -50.28 -4.87 69.38
N VAL A 51 -52.25 -3.92 65.48
CA VAL A 51 -52.02 -3.88 64.05
C VAL A 51 -53.35 -3.75 63.28
N SER A 52 -53.57 -2.58 62.70
CA SER A 52 -54.81 -2.31 61.97
C SER A 52 -54.79 -2.97 60.59
N VAL A 53 -55.88 -3.69 60.28
CA VAL A 53 -56.00 -4.45 59.03
C VAL A 53 -56.12 -3.52 57.82
N LYS A 54 -56.65 -2.32 58.03
CA LYS A 54 -56.78 -1.34 56.96
C LYS A 54 -55.43 -0.72 56.63
N THR A 55 -54.83 -0.06 57.60
CA THR A 55 -53.65 0.76 57.37
C THR A 55 -52.35 -0.03 57.14
N HIS A 56 -52.26 -1.22 57.73
CA HIS A 56 -51.04 -2.03 57.64
C HIS A 56 -51.07 -3.07 56.51
N ILE A 57 -52.26 -3.49 56.07
CA ILE A 57 -52.35 -4.58 55.09
C ILE A 57 -53.10 -4.22 53.81
N MSE A 58 -54.41 -4.03 53.89
CA MSE A 58 -55.24 -3.80 52.71
C MSE A 58 -54.84 -2.57 51.89
O MSE A 58 -54.82 -2.62 50.65
CB MSE A 58 -56.72 -3.74 53.07
CG MSE A 58 -57.48 -5.03 52.77
SE MSE A 58 -59.31 -5.04 53.44
CE MSE A 58 -60.01 -3.44 52.55
N ARG A 59 -54.53 -1.46 52.56
CA ARG A 59 -54.12 -0.24 51.88
C ARG A 59 -52.82 -0.43 51.08
N PRO A 60 -51.75 -0.97 51.71
CA PRO A 60 -50.55 -1.30 50.96
C PRO A 60 -50.85 -2.10 49.69
N ILE A 61 -51.65 -3.16 49.82
CA ILE A 61 -51.98 -4.06 48.71
C ILE A 61 -52.73 -3.35 47.59
N ASP A 62 -53.67 -2.47 47.96
CA ASP A 62 -54.46 -1.72 46.97
C ASP A 62 -53.58 -0.74 46.18
N PHE A 63 -52.60 -0.14 46.85
CA PHE A 63 -51.60 0.69 46.19
C PHE A 63 -50.61 -0.16 45.41
N MSE A 64 -50.26 -1.32 45.97
CA MSE A 64 -49.37 -2.28 45.35
C MSE A 64 -49.95 -2.80 44.03
O MSE A 64 -49.20 -3.10 43.10
CB MSE A 64 -49.10 -3.45 46.30
CG MSE A 64 -47.86 -4.25 45.99
SE MSE A 64 -46.21 -3.33 46.49
CE MSE A 64 -44.97 -4.48 45.51
N LEU A 65 -51.27 -2.92 43.96
CA LEU A 65 -51.96 -3.33 42.74
C LEU A 65 -52.04 -2.21 41.71
N MSE A 66 -52.23 -0.98 42.17
CA MSE A 66 -52.24 0.18 41.29
C MSE A 66 -50.84 0.50 40.77
O MSE A 66 -50.68 1.10 39.70
CB MSE A 66 -52.86 1.41 41.98
CG MSE A 66 -54.38 1.41 41.98
SE MSE A 66 -55.21 3.02 42.74
CE MSE A 66 -55.01 2.63 44.64
N GLY A 67 -49.83 0.09 41.52
CA GLY A 67 -48.44 0.18 41.10
C GLY A 67 -48.14 -0.81 39.99
N LEU A 68 -48.61 -2.05 40.17
CA LEU A 68 -48.50 -3.08 39.15
C LEU A 68 -49.34 -2.74 37.94
N ARG A 69 -50.31 -1.86 38.13
CA ARG A 69 -51.16 -1.40 37.04
C ARG A 69 -50.47 -0.35 36.19
N GLU A 70 -49.79 0.59 36.85
CA GLU A 70 -49.10 1.67 36.14
C GLU A 70 -47.72 1.30 35.59
N GLU A 71 -47.09 0.27 36.16
CA GLU A 71 -45.80 -0.22 35.66
C GLU A 71 -45.97 -0.99 34.35
N PHE A 72 -46.98 -1.86 34.31
CA PHE A 72 -47.19 -2.73 33.17
C PHE A 72 -48.27 -2.23 32.21
N ASN A 73 -48.74 -1.00 32.41
CA ASN A 73 -49.85 -0.46 31.62
C ASN A 73 -51.01 -1.45 31.53
N LEU A 74 -51.33 -2.08 32.66
CA LEU A 74 -52.34 -3.13 32.73
C LEU A 74 -53.70 -2.66 32.22
N TYR A 75 -54.02 -3.07 30.99
CA TYR A 75 -55.27 -2.70 30.36
C TYR A 75 -56.09 -3.92 29.96
N SER A 76 -57.41 -3.81 30.14
CA SER A 76 -58.35 -4.81 29.65
C SER A 76 -59.61 -4.09 29.14
N GLU A 77 -59.97 -4.40 27.90
CA GLU A 77 -61.18 -3.84 27.28
C GLU A 77 -62.46 -4.29 27.98
N ASP A 78 -62.31 -5.21 28.94
CA ASP A 78 -63.41 -5.76 29.73
C ASP A 78 -64.06 -4.73 30.64
N HIS A 81 -57.17 -4.80 34.93
CA HIS A 81 -58.06 -3.98 35.75
C HIS A 81 -59.52 -4.29 35.39
N LEU A 82 -60.49 -3.57 35.97
CA LEU A 82 -60.26 -2.50 36.95
C LEU A 82 -60.36 -3.05 38.39
N SER A 83 -60.39 -4.37 38.50
CA SER A 83 -60.65 -5.08 39.75
C SER A 83 -59.39 -5.69 40.33
N ALA A 84 -59.42 -5.94 41.64
CA ALA A 84 -58.31 -6.61 42.34
C ALA A 84 -58.09 -8.05 41.85
N PRO A 85 -59.16 -8.86 41.73
CA PRO A 85 -59.03 -10.20 41.14
C PRO A 85 -58.73 -10.17 39.65
N GLY A 86 -59.25 -9.17 38.95
CA GLY A 86 -59.01 -9.00 37.52
C GLY A 86 -57.55 -8.68 37.25
N THR A 87 -56.99 -7.80 38.08
CA THR A 87 -55.60 -7.41 38.01
C THR A 87 -54.69 -8.62 38.27
N ILE A 88 -55.02 -9.40 39.31
CA ILE A 88 -54.29 -10.63 39.58
C ILE A 88 -54.40 -11.60 38.40
N ARG A 89 -55.60 -11.73 37.83
CA ARG A 89 -55.85 -12.61 36.69
C ARG A 89 -54.99 -12.23 35.48
N LEU A 90 -54.82 -10.93 35.24
CA LEU A 90 -53.98 -10.47 34.14
C LEU A 90 -52.51 -10.82 34.32
N LEU A 91 -51.97 -10.58 35.52
CA LEU A 91 -50.57 -10.87 35.83
C LEU A 91 -50.23 -12.33 35.55
N ARG A 92 -51.11 -13.24 35.96
CA ARG A 92 -50.94 -14.66 35.69
C ARG A 92 -51.01 -14.95 34.19
N GLU A 93 -51.97 -14.32 33.51
CA GLU A 93 -52.18 -14.50 32.07
C GLU A 93 -50.94 -14.16 31.24
N LYS A 94 -50.25 -13.10 31.64
CA LYS A 94 -49.13 -12.56 30.85
C LYS A 94 -47.75 -12.78 31.48
N ASN A 95 -47.67 -13.69 32.45
CA ASN A 95 -46.41 -13.94 33.19
C ASN A 95 -45.59 -12.67 33.42
N LEU A 96 -46.24 -11.66 33.97
CA LEU A 96 -45.61 -10.37 34.25
C LEU A 96 -44.83 -10.38 35.56
N LEU A 97 -45.05 -11.43 36.36
CA LEU A 97 -44.44 -11.55 37.67
C LEU A 97 -44.37 -13.04 38.03
N PRO A 98 -43.36 -13.44 38.84
CA PRO A 98 -43.28 -14.84 39.27
C PRO A 98 -44.56 -15.31 39.96
N GLU A 99 -45.01 -16.52 39.64
CA GLU A 99 -46.24 -17.08 40.19
C GLU A 99 -46.26 -17.10 41.72
N GLU A 100 -45.13 -17.51 42.31
CA GLU A 100 -44.97 -17.53 43.76
C GLU A 100 -45.25 -16.15 44.36
N GLN A 101 -44.92 -15.11 43.60
CA GLN A 101 -45.07 -13.73 44.04
C GLN A 101 -46.51 -13.22 43.84
N ILE A 102 -47.17 -13.68 42.77
CA ILE A 102 -48.57 -13.35 42.51
C ILE A 102 -49.49 -14.03 43.53
N ALA A 103 -49.35 -15.34 43.65
CA ALA A 103 -50.15 -16.13 44.59
C ALA A 103 -50.07 -15.59 46.01
N ARG A 104 -48.89 -15.09 46.38
CA ARG A 104 -48.67 -14.50 47.70
C ARG A 104 -49.52 -13.24 47.90
N ILE A 105 -49.63 -12.41 46.86
CA ILE A 105 -50.50 -11.22 46.90
C ILE A 105 -51.97 -11.65 46.97
N GLU A 106 -52.31 -12.75 46.31
CA GLU A 106 -53.67 -13.29 46.35
C GLU A 106 -54.06 -13.84 47.71
N SER A 107 -53.18 -14.65 48.30
CA SER A 107 -53.43 -15.28 49.59
C SER A 107 -53.53 -14.27 50.73
N VAL A 108 -52.82 -13.15 50.61
CA VAL A 108 -52.82 -12.12 51.66
C VAL A 108 -54.05 -11.18 51.54
N TYR A 109 -54.36 -10.76 50.30
CA TYR A 109 -55.54 -9.93 50.06
C TYR A 109 -56.82 -10.67 50.45
N ASN A 110 -56.85 -11.98 50.23
CA ASN A 110 -57.98 -12.81 50.63
C ASN A 110 -58.10 -12.95 52.15
N GLN A 111 -56.96 -13.11 52.82
CA GLN A 111 -56.93 -13.22 54.28
C GLN A 111 -57.29 -11.90 54.95
N ALA A 112 -56.87 -10.79 54.35
CA ALA A 112 -57.25 -9.46 54.81
C ALA A 112 -58.74 -9.25 54.70
N MSE A 113 -59.31 -9.60 53.54
CA MSE A 113 -60.76 -9.59 53.30
C MSE A 113 -61.51 -10.34 54.38
O MSE A 113 -62.50 -9.84 54.92
CB MSE A 113 -61.06 -10.22 51.95
CG MSE A 113 -61.48 -9.26 50.85
SE MSE A 113 -62.37 -10.25 49.40
CE MSE A 113 -62.71 -8.76 48.18
N SER A 114 -61.07 -11.56 54.67
CA SER A 114 -61.68 -12.41 55.67
C SER A 114 -61.63 -11.79 57.06
N LYS A 115 -60.51 -11.15 57.36
CA LYS A 115 -60.28 -10.54 58.68
C LYS A 115 -61.13 -9.30 58.92
N ARG A 116 -61.17 -8.39 57.94
CA ARG A 116 -62.01 -7.19 58.03
C ARG A 116 -63.46 -7.57 58.33
N PHE A 117 -63.96 -8.59 57.62
CA PHE A 117 -65.31 -9.11 57.83
C PHE A 117 -65.50 -9.67 59.24
N GLU A 118 -64.57 -10.54 59.66
CA GLU A 118 -64.57 -11.12 61.00
C GLU A 118 -64.56 -10.08 62.12
N LEU A 119 -63.90 -8.96 61.87
CA LEU A 119 -63.76 -7.91 62.88
C LEU A 119 -64.90 -6.89 62.87
N HIS A 120 -65.46 -6.64 61.69
CA HIS A 120 -66.65 -5.79 61.56
C HIS A 120 -67.90 -6.49 62.11
N ALA A 121 -67.78 -7.79 62.38
CA ALA A 121 -68.88 -8.61 62.90
C ALA A 121 -68.86 -8.76 64.44
N GLU A 122 -67.93 -8.08 65.11
CA GLU A 122 -67.80 -8.14 66.57
C GLU A 122 -67.79 -6.76 67.23
N HIS A 123 -67.85 -6.75 68.57
CA HIS A 123 -67.72 -5.56 69.44
C HIS A 123 -68.07 -4.21 68.79
N GLU A 126 -62.28 -3.07 68.37
CA GLU A 126 -62.24 -2.20 67.19
C GLU A 126 -62.50 -2.99 65.90
N HIS A 127 -63.31 -2.39 65.02
CA HIS A 127 -63.72 -3.01 63.77
C HIS A 127 -62.59 -3.17 62.74
N ASP A 128 -61.65 -2.22 62.73
CA ASP A 128 -60.52 -2.30 61.80
C ASP A 128 -59.19 -2.69 62.43
N GLU A 129 -59.17 -2.91 63.74
CA GLU A 129 -57.95 -3.28 64.45
C GLU A 129 -58.04 -4.65 65.13
N MSE A 130 -56.98 -5.44 64.99
CA MSE A 130 -56.91 -6.79 65.56
C MSE A 130 -55.77 -6.94 66.56
O MSE A 130 -54.88 -6.09 66.63
CB MSE A 130 -56.79 -7.84 64.44
CG MSE A 130 -55.67 -7.60 63.44
SE MSE A 130 -55.31 -9.19 62.37
CE MSE A 130 -54.53 -8.33 60.80
N PRO A 131 -55.79 -8.02 67.38
CA PRO A 131 -54.69 -8.36 68.27
C PRO A 131 -53.39 -8.71 67.53
N TYR A 132 -52.26 -8.60 68.23
CA TYR A 132 -50.93 -8.71 67.63
C TYR A 132 -50.54 -10.11 67.13
N SER A 133 -50.76 -11.12 67.98
CA SER A 133 -50.30 -12.49 67.69
C SER A 133 -51.07 -13.18 66.56
N ASP A 134 -52.29 -12.71 66.30
CA ASP A 134 -53.11 -13.24 65.21
C ASP A 134 -52.55 -12.87 63.83
N ALA A 135 -51.98 -11.68 63.73
CA ALA A 135 -51.44 -11.14 62.49
C ALA A 135 -50.00 -11.60 62.18
N LYS A 136 -49.46 -12.46 63.03
CA LYS A 136 -48.06 -12.93 62.90
C LYS A 136 -47.73 -13.49 61.52
N ALA A 137 -48.57 -14.39 61.02
CA ALA A 137 -48.35 -15.06 59.74
C ALA A 137 -48.63 -14.15 58.55
N MSE A 138 -49.58 -13.23 58.72
CA MSE A 138 -49.99 -12.32 57.66
C MSE A 138 -48.92 -11.27 57.38
O MSE A 138 -48.56 -11.04 56.22
CB MSE A 138 -51.32 -11.65 58.03
CG MSE A 138 -52.26 -11.41 56.85
SE MSE A 138 -54.14 -11.23 57.37
CE MSE A 138 -54.42 -12.97 58.21
N LEU A 139 -48.40 -10.65 58.44
CA LEU A 139 -47.39 -9.60 58.35
C LEU A 139 -46.06 -10.11 57.81
N ASP A 140 -45.73 -11.35 58.13
CA ASP A 140 -44.51 -11.99 57.62
C ASP A 140 -44.62 -12.33 56.14
N GLU A 141 -45.83 -12.20 55.59
CA GLU A 141 -46.05 -12.40 54.17
C GLU A 141 -46.17 -11.04 53.47
N VAL A 142 -46.56 -10.02 54.24
CA VAL A 142 -46.60 -8.63 53.76
C VAL A 142 -45.18 -8.06 53.61
N ALA A 143 -44.29 -8.48 54.49
CA ALA A 143 -42.89 -8.07 54.46
C ALA A 143 -42.23 -8.47 53.13
N LYS A 144 -42.57 -9.67 52.65
CA LYS A 144 -42.11 -10.15 51.36
C LYS A 144 -42.63 -9.26 50.23
N ILE A 145 -43.89 -8.86 50.32
CA ILE A 145 -44.51 -7.98 49.33
C ILE A 145 -43.89 -6.58 49.37
N ARG A 146 -43.35 -6.20 50.53
CA ARG A 146 -42.58 -4.97 50.66
C ARG A 146 -41.21 -5.13 50.00
N GLU A 147 -40.70 -6.38 49.98
CA GLU A 147 -39.44 -6.70 49.31
C GLU A 147 -39.59 -6.66 47.80
N LEU A 148 -40.71 -7.20 47.30
CA LEU A 148 -41.10 -7.02 45.91
C LEU A 148 -41.34 -5.53 45.62
N GLY A 149 -41.60 -4.76 46.67
CA GLY A 149 -41.76 -3.31 46.56
C GLY A 149 -40.46 -2.62 46.23
N VAL A 150 -39.46 -2.78 47.10
CA VAL A 150 -38.16 -2.13 46.92
C VAL A 150 -37.43 -2.59 45.65
N GLN A 151 -37.40 -3.91 45.45
CA GLN A 151 -36.80 -4.54 44.26
C GLN A 151 -37.37 -3.92 42.99
N ARG A 152 -38.68 -3.68 42.98
CA ARG A 152 -39.36 -3.06 41.86
C ARG A 152 -38.96 -1.59 41.72
N VAL A 153 -39.07 -0.83 42.81
CA VAL A 153 -38.73 0.60 42.84
C VAL A 153 -37.29 0.86 42.38
N THR A 154 -36.35 0.06 42.88
CA THR A 154 -34.94 0.16 42.53
C THR A 154 -34.74 0.08 41.01
N ARG A 155 -35.32 -0.94 40.37
CA ARG A 155 -35.13 -1.13 38.94
C ARG A 155 -35.75 0.02 38.12
N ILE A 156 -36.85 0.57 38.62
CA ILE A 156 -37.47 1.77 38.03
C ILE A 156 -36.50 2.96 38.11
N GLU A 157 -35.85 3.12 39.25
CA GLU A 157 -34.87 4.18 39.47
C GLU A 157 -33.64 3.99 38.59
N ASN A 158 -33.22 2.73 38.45
CA ASN A 158 -32.13 2.38 37.54
C ASN A 158 -32.52 2.58 36.08
N LEU A 159 -33.82 2.46 35.79
CA LEU A 159 -34.35 2.72 34.45
C LEU A 159 -34.42 4.21 34.13
N GLU A 160 -34.69 5.03 35.14
CA GLU A 160 -34.71 6.49 34.98
C GLU A 160 -33.33 6.97 34.57
N ASN A 161 -32.29 6.35 35.13
CA ASN A 161 -30.91 6.69 34.83
C ASN A 161 -30.52 6.25 33.42
N ALA A 162 -30.92 5.03 33.06
CA ALA A 162 -30.69 4.49 31.72
C ALA A 162 -31.43 5.29 30.64
N LYS A 163 -32.52 5.95 31.03
CA LYS A 163 -33.24 6.84 30.14
C LYS A 163 -32.37 8.05 29.80
N LYS A 164 -31.71 8.61 30.82
CA LYS A 164 -30.84 9.77 30.66
C LYS A 164 -29.66 9.44 29.73
N LEU A 165 -28.97 8.34 30.04
CA LEU A 165 -27.77 7.94 29.32
C LEU A 165 -28.02 7.72 27.84
N TRP A 166 -29.13 7.04 27.53
CA TRP A 166 -29.56 6.87 26.14
C TRP A 166 -29.90 8.21 25.52
N ASP A 167 -30.52 9.08 26.31
CA ASP A 167 -31.06 10.33 25.81
C ASP A 167 -29.98 11.33 25.36
N ASN A 168 -28.82 11.31 26.03
CA ASN A 168 -27.69 12.13 25.59
C ASN A 168 -26.88 11.50 24.47
N ALA A 169 -26.94 10.18 24.38
CA ALA A 169 -26.35 9.45 23.26
C ALA A 169 -27.04 9.86 21.96
N ASN A 170 -28.37 9.87 21.99
CA ASN A 170 -29.19 10.38 20.88
C ASN A 170 -28.98 11.88 20.67
N SER A 171 -28.63 12.59 21.74
CA SER A 171 -28.36 14.03 21.68
C SER A 171 -27.01 14.34 21.04
N MSE A 172 -26.01 13.49 21.30
CA MSE A 172 -24.70 13.58 20.64
C MSE A 172 -24.84 13.27 19.16
O MSE A 172 -24.27 13.95 18.31
CB MSE A 172 -23.69 12.61 21.28
CG MSE A 172 -23.34 12.89 22.73
SE MSE A 172 -22.18 14.43 22.98
CE MSE A 172 -22.48 14.73 24.88
N LEU A 173 -25.63 12.22 18.88
CA LEU A 173 -25.98 11.82 17.52
C LEU A 173 -26.66 12.97 16.78
N GLU A 174 -27.53 13.69 17.49
CA GLU A 174 -28.30 14.81 16.93
C GLU A 174 -27.41 15.92 16.41
N LYS A 175 -26.33 16.22 17.14
CA LYS A 175 -25.40 17.27 16.75
C LYS A 175 -24.17 16.78 15.98
N GLY A 176 -24.21 15.53 15.53
CA GLY A 176 -23.21 14.98 14.61
C GLY A 176 -21.90 14.49 15.20
N ASN A 177 -21.59 14.93 16.42
CA ASN A 177 -20.35 14.54 17.11
C ASN A 177 -20.29 13.04 17.34
N ILE A 178 -19.59 12.34 16.44
CA ILE A 178 -19.47 10.88 16.49
C ILE A 178 -18.60 10.40 17.66
N SER A 179 -17.57 11.18 18.00
CA SER A 179 -16.71 10.89 19.15
C SER A 179 -17.55 10.62 20.39
N GLY A 180 -18.42 11.58 20.72
CA GLY A 180 -19.26 11.52 21.91
C GLY A 180 -20.36 10.49 21.88
N TYR A 181 -20.98 10.30 20.71
CA TYR A 181 -22.03 9.29 20.56
C TYR A 181 -21.53 7.91 20.97
N LEU A 182 -20.35 7.55 20.48
CA LEU A 182 -19.77 6.24 20.77
C LEU A 182 -19.32 6.13 22.23
N LYS A 183 -18.89 7.26 22.80
CA LYS A 183 -18.53 7.30 24.21
C LYS A 183 -19.77 7.12 25.10
N ALA A 184 -20.85 7.81 24.75
CA ALA A 184 -22.09 7.76 25.51
C ALA A 184 -22.81 6.40 25.41
N ALA A 185 -22.89 5.87 24.19
CA ALA A 185 -23.49 4.55 23.96
C ALA A 185 -22.75 3.46 24.72
N ASN A 186 -21.46 3.66 24.95
CA ASN A 186 -20.65 2.76 25.78
C ASN A 186 -20.97 2.92 27.25
N GLU A 187 -21.18 4.15 27.70
CA GLU A 187 -21.57 4.43 29.08
C GLU A 187 -22.96 3.87 29.36
N LEU A 188 -23.83 3.96 28.36
CA LEU A 188 -25.17 3.38 28.43
C LEU A 188 -25.04 1.88 28.70
N HIS A 189 -24.36 1.19 27.78
CA HIS A 189 -24.16 -0.26 27.85
C HIS A 189 -23.56 -0.70 29.18
N LYS A 190 -22.53 0.01 29.64
CA LYS A 190 -21.83 -0.33 30.88
C LYS A 190 -22.73 -0.27 32.10
N PHE A 191 -23.65 0.70 32.10
CA PHE A 191 -24.59 0.88 33.19
C PHE A 191 -25.58 -0.27 33.28
N MSE A 192 -26.14 -0.66 32.14
CA MSE A 192 -27.17 -1.68 32.08
C MSE A 192 -26.66 -3.06 32.46
O MSE A 192 -27.38 -3.84 33.07
CB MSE A 192 -27.82 -1.72 30.71
CG MSE A 192 -28.11 -0.36 30.12
SE MSE A 192 -29.77 -0.24 29.13
CE MSE A 192 -29.94 -2.07 28.48
N LYS A 193 -25.42 -3.37 32.09
CA LYS A 193 -24.77 -4.60 32.53
C LYS A 193 -24.60 -4.56 34.06
N GLU A 194 -24.14 -3.42 34.57
CA GLU A 194 -23.95 -3.21 36.00
C GLU A 194 -25.24 -3.36 36.78
N LYS A 195 -26.28 -2.63 36.36
CA LYS A 195 -27.58 -2.67 37.03
C LYS A 195 -28.45 -3.82 36.51
N ASN A 196 -27.82 -4.74 35.78
CA ASN A 196 -28.47 -5.90 35.17
C ASN A 196 -29.81 -5.61 34.50
N LEU A 197 -29.74 -4.84 33.41
CA LEU A 197 -30.90 -4.47 32.62
C LEU A 197 -30.77 -5.01 31.20
N LYS A 198 -31.89 -5.13 30.51
CA LYS A 198 -31.91 -5.58 29.12
C LYS A 198 -32.54 -4.54 28.20
N GLU A 199 -32.38 -4.76 26.89
CA GLU A 199 -32.92 -3.86 25.88
C GLU A 199 -34.44 -3.72 25.98
N ASP A 200 -35.11 -4.84 26.26
CA ASP A 200 -36.56 -4.90 26.45
C ASP A 200 -37.03 -3.97 27.57
N ASP A 201 -36.26 -3.92 28.66
CA ASP A 201 -36.61 -3.14 29.84
C ASP A 201 -36.71 -1.65 29.57
N LEU A 202 -35.81 -1.12 28.74
CA LEU A 202 -35.74 0.32 28.48
C LEU A 202 -36.72 0.78 27.41
N ARG A 203 -37.04 -0.10 26.47
CA ARG A 203 -37.83 0.25 25.29
C ARG A 203 -39.19 0.92 25.55
N PRO A 204 -39.96 0.45 26.58
CA PRO A 204 -41.26 1.05 26.89
C PRO A 204 -41.22 2.55 27.18
N GLU A 205 -40.31 2.96 28.07
CA GLU A 205 -40.20 4.37 28.47
C GLU A 205 -39.30 5.20 27.54
N LEU A 206 -39.09 4.70 26.32
CA LEU A 206 -38.42 5.46 25.27
C LEU A 206 -39.39 5.85 24.16
N SER A 207 -40.68 5.55 24.37
CA SER A 207 -41.76 6.04 23.52
C SER A 207 -41.86 7.57 23.58
N ASP A 208 -41.21 8.14 24.59
CA ASP A 208 -41.13 9.58 24.80
C ASP A 208 -40.22 10.26 23.77
N LYS A 209 -39.08 9.63 23.47
CA LYS A 209 -38.11 10.23 22.54
C LYS A 209 -38.10 9.54 21.18
N THR A 210 -37.50 10.19 20.19
CA THR A 210 -37.41 9.67 18.83
C THR A 210 -36.04 9.93 18.20
N ILE A 211 -35.60 8.99 17.35
CA ILE A 211 -34.38 9.17 16.57
C ILE A 211 -34.73 9.84 15.24
N SER A 212 -34.06 10.95 14.95
CA SER A 212 -34.27 11.69 13.72
C SER A 212 -34.07 10.82 12.48
N PRO A 213 -34.85 11.07 11.41
CA PRO A 213 -34.63 10.39 10.14
C PRO A 213 -33.24 10.68 9.55
N LYS A 214 -32.71 11.87 9.83
CA LYS A 214 -31.33 12.20 9.46
C LYS A 214 -30.35 11.58 10.46
N GLY A 215 -30.81 11.37 11.69
CA GLY A 215 -30.03 10.70 12.73
C GLY A 215 -29.91 9.20 12.45
N TYR A 216 -30.91 8.66 11.75
CA TYR A 216 -30.88 7.29 11.28
C TYR A 216 -29.89 7.10 10.14
N ALA A 217 -29.73 8.14 9.31
CA ALA A 217 -28.79 8.13 8.19
C ALA A 217 -27.34 8.14 8.68
N ILE A 218 -27.11 8.78 9.82
CA ILE A 218 -25.81 8.76 10.47
C ILE A 218 -25.54 7.35 11.00
N LEU A 219 -26.49 6.80 11.74
CA LEU A 219 -26.41 5.42 12.22
C LEU A 219 -26.24 4.43 11.08
N GLN A 220 -26.97 4.69 9.99
CA GLN A 220 -26.87 3.91 8.76
C GLN A 220 -25.43 3.94 8.24
N SER A 221 -24.85 5.14 8.18
CA SER A 221 -23.47 5.33 7.77
C SER A 221 -22.56 4.58 8.72
N LEU A 222 -22.65 4.91 10.00
CA LEU A 222 -21.89 4.25 11.06
C LEU A 222 -21.93 2.73 10.90
N TRP A 223 -23.12 2.20 10.63
CA TRP A 223 -23.31 0.76 10.50
C TRP A 223 -22.55 0.18 9.30
N GLY A 224 -22.64 0.87 8.16
CA GLY A 224 -22.05 0.38 6.91
C GLY A 224 -20.54 0.45 6.89
N ALA A 225 -20.00 1.54 7.40
CA ALA A 225 -18.55 1.74 7.50
C ALA A 225 -17.94 0.68 8.40
N ALA A 226 -18.58 0.42 9.55
CA ALA A 226 -18.12 -0.60 10.48
C ALA A 226 -18.22 -1.99 9.87
N SER A 227 -19.37 -2.28 9.24
CA SER A 227 -19.56 -3.55 8.55
C SER A 227 -18.48 -3.77 7.50
N ASP A 228 -18.18 -2.73 6.72
CA ASP A 228 -17.09 -2.77 5.76
C ASP A 228 -15.77 -3.03 6.50
N TYR A 229 -15.36 -2.05 7.30
CA TYR A 229 -14.10 -2.08 8.04
C TYR A 229 -13.84 -3.44 8.68
N SER A 230 -14.82 -3.98 9.38
CA SER A 230 -14.65 -5.25 10.09
C SER A 230 -14.25 -6.38 9.15
N ARG A 231 -14.94 -6.48 8.02
CA ARG A 231 -14.63 -7.51 7.02
C ARG A 231 -13.34 -7.20 6.28
N ALA A 232 -13.17 -5.94 5.89
CA ALA A 232 -11.95 -5.47 5.25
C ALA A 232 -10.69 -5.81 6.06
N ALA A 233 -10.76 -5.60 7.38
CA ALA A 233 -9.62 -5.83 8.26
C ALA A 233 -9.38 -7.30 8.62
N ALA A 234 -10.19 -8.21 8.08
CA ALA A 234 -9.95 -9.63 8.24
C ALA A 234 -9.04 -10.05 7.10
N THR A 235 -7.73 -10.01 7.35
CA THR A 235 -6.74 -10.21 6.29
C THR A 235 -5.88 -11.46 6.53
N LEU A 236 -5.01 -11.73 5.56
CA LEU A 236 -4.08 -12.86 5.63
C LEU A 236 -2.96 -12.62 6.63
N THR A 237 -2.84 -11.38 7.11
CA THR A 237 -1.89 -11.05 8.18
C THR A 237 -2.55 -11.29 9.54
N GLU A 238 -3.82 -10.89 9.68
CA GLU A 238 -4.52 -10.93 10.96
C GLU A 238 -6.03 -10.75 10.77
N SER A 239 -6.82 -11.59 11.44
CA SER A 239 -8.28 -11.58 11.30
C SER A 239 -9.00 -11.79 12.63
N THR A 240 -8.39 -11.28 13.70
CA THR A 240 -8.89 -11.52 15.04
C THR A 240 -9.15 -10.21 15.78
N VAL A 241 -8.09 -9.46 16.06
CA VAL A 241 -8.16 -8.30 16.93
C VAL A 241 -8.90 -7.15 16.26
N GLU A 242 -8.46 -6.77 15.07
CA GLU A 242 -9.04 -5.61 14.41
C GLU A 242 -10.51 -5.78 14.00
N PRO A 243 -10.87 -6.90 13.32
CA PRO A 243 -12.30 -7.03 13.03
C PRO A 243 -13.10 -7.10 14.33
N GLY A 244 -12.59 -7.89 15.27
CA GLY A 244 -13.17 -8.03 16.59
C GLY A 244 -13.54 -6.70 17.21
N LEU A 245 -12.55 -5.81 17.25
CA LEU A 245 -12.75 -4.46 17.77
C LEU A 245 -13.79 -3.67 16.98
N VAL A 246 -13.71 -3.74 15.66
CA VAL A 246 -14.64 -3.01 14.80
C VAL A 246 -16.07 -3.51 14.98
N SER A 247 -16.25 -4.82 14.98
CA SER A 247 -17.56 -5.44 15.26
C SER A 247 -18.12 -5.01 16.60
N ALA A 248 -17.27 -4.99 17.62
CA ALA A 248 -17.65 -4.57 18.96
C ALA A 248 -18.20 -3.14 18.99
N VAL A 249 -17.63 -2.25 18.17
CA VAL A 249 -18.16 -0.90 18.01
C VAL A 249 -19.54 -0.96 17.39
N ASN A 250 -19.68 -1.78 16.35
CA ASN A 250 -20.92 -1.90 15.60
C ASN A 250 -22.07 -2.50 16.41
N LYS A 251 -21.74 -3.48 17.25
CA LYS A 251 -22.68 -4.07 18.18
C LYS A 251 -23.20 -3.05 19.19
N MSE A 252 -22.33 -2.11 19.58
CA MSE A 252 -22.67 -1.08 20.55
C MSE A 252 -23.66 -0.08 19.98
O MSE A 252 -24.62 0.32 20.65
CB MSE A 252 -21.41 -0.35 21.00
CG MSE A 252 -21.60 0.52 22.21
SE MSE A 252 -19.92 1.41 22.59
CE MSE A 252 -19.73 2.40 20.91
N SER A 253 -23.42 0.32 18.74
CA SER A 253 -24.34 1.18 18.01
C SER A 253 -25.65 0.45 17.75
N ALA A 254 -25.56 -0.85 17.46
CA ALA A 254 -26.74 -1.70 17.31
C ALA A 254 -27.52 -1.87 18.63
N PHE A 255 -26.79 -1.89 19.75
CA PHE A 255 -27.39 -2.01 21.08
C PHE A 255 -28.17 -0.74 21.44
N PHE A 256 -27.63 0.41 21.07
CA PHE A 256 -28.32 1.70 21.25
C PHE A 256 -29.61 1.70 20.46
N MSE A 257 -29.55 1.13 19.27
CA MSE A 257 -30.70 1.02 18.40
C MSE A 257 -31.76 0.08 18.98
O MSE A 257 -32.93 0.43 19.04
CB MSE A 257 -30.26 0.54 17.03
CG MSE A 257 -30.85 1.32 15.90
SE MSE A 257 -29.67 1.27 14.39
CE MSE A 257 -30.64 2.53 13.26
N ASP A 258 -31.32 -1.10 19.42
CA ASP A 258 -32.18 -2.11 20.07
C ASP A 258 -32.97 -1.55 21.24
N CYS A 259 -32.38 -0.59 21.96
CA CYS A 259 -33.03 0.06 23.08
C CYS A 259 -34.30 0.81 22.67
N LYS A 260 -34.30 1.33 21.44
CA LYS A 260 -35.45 2.08 20.94
C LYS A 260 -36.40 1.20 20.12
N LEU A 261 -35.85 0.36 19.24
CA LEU A 261 -36.65 -0.39 18.28
C LEU A 261 -36.89 -1.85 18.65
N SER A 262 -38.09 -2.35 18.32
CA SER A 262 -38.46 -3.75 18.49
C SER A 262 -37.73 -4.64 17.47
N PRO A 263 -37.61 -5.96 17.76
CA PRO A 263 -36.96 -6.89 16.83
C PRO A 263 -37.47 -6.79 15.40
N ASN A 264 -36.54 -6.61 14.46
CA ASN A 264 -36.82 -6.52 13.02
C ASN A 264 -37.57 -5.26 12.55
N GLU A 265 -37.94 -4.40 13.50
CA GLU A 265 -38.53 -3.09 13.18
C GLU A 265 -37.52 -2.24 12.41
N ARG A 266 -37.80 -2.00 11.13
CA ARG A 266 -36.89 -1.29 10.24
C ARG A 266 -36.60 0.14 10.69
N ALA A 267 -35.40 0.63 10.37
CA ALA A 267 -35.04 2.01 10.63
C ALA A 267 -35.35 2.87 9.41
N THR A 268 -35.78 4.11 9.66
CA THR A 268 -36.16 5.02 8.59
C THR A 268 -35.14 6.14 8.41
N PRO A 269 -34.16 5.94 7.50
CA PRO A 269 -33.10 6.93 7.28
C PRO A 269 -33.48 8.00 6.26
N ASP A 270 -32.75 9.11 6.29
CA ASP A 270 -32.91 10.19 5.31
C ASP A 270 -31.75 10.15 4.31
N PRO A 271 -31.99 9.54 3.13
CA PRO A 271 -30.93 9.39 2.11
C PRO A 271 -30.51 10.71 1.47
N ASP A 272 -31.28 11.77 1.70
CA ASP A 272 -30.95 13.11 1.22
C ASP A 272 -29.82 13.75 2.06
N PHE A 273 -29.55 13.15 3.22
CA PHE A 273 -28.50 13.60 4.12
C PHE A 273 -27.55 12.45 4.44
N LYS A 274 -26.29 12.57 4.02
CA LYS A 274 -25.32 11.50 4.23
C LYS A 274 -24.01 12.03 4.82
N VAL A 275 -23.55 11.36 5.88
CA VAL A 275 -22.28 11.72 6.52
C VAL A 275 -21.13 11.21 5.67
N GLY A 276 -20.02 11.95 5.68
CA GLY A 276 -18.82 11.55 4.97
C GLY A 276 -18.25 10.27 5.54
N LYS A 277 -18.04 9.28 4.67
CA LYS A 277 -17.55 7.97 5.11
C LYS A 277 -16.18 8.06 5.75
N SER A 278 -15.34 8.96 5.26
CA SER A 278 -14.01 9.15 5.83
C SER A 278 -14.07 9.74 7.24
N LYS A 279 -14.94 10.72 7.44
CA LYS A 279 -15.17 11.33 8.74
C LYS A 279 -15.55 10.31 9.82
N ILE A 280 -16.51 9.43 9.50
CA ILE A 280 -17.02 8.45 10.46
C ILE A 280 -16.02 7.32 10.69
N LEU A 281 -15.28 6.96 9.65
CA LEU A 281 -14.21 5.96 9.79
C LEU A 281 -13.19 6.41 10.81
N VAL A 282 -12.78 7.68 10.73
CA VAL A 282 -11.93 8.29 11.74
C VAL A 282 -12.59 8.25 13.11
N GLY A 283 -13.91 8.46 13.15
CA GLY A 283 -14.66 8.41 14.40
C GLY A 283 -14.54 7.08 15.11
N ILE A 284 -14.90 6.00 14.40
CA ILE A 284 -14.72 4.63 14.87
C ILE A 284 -13.28 4.43 15.36
N MSE A 285 -12.34 4.94 14.57
CA MSE A 285 -10.93 4.79 14.88
C MSE A 285 -10.53 5.47 16.19
O MSE A 285 -9.89 4.85 17.04
CB MSE A 285 -10.07 5.26 13.70
CG MSE A 285 -10.42 4.47 12.46
SE MSE A 285 -9.10 4.44 11.06
CE MSE A 285 -9.17 6.31 10.56
N GLN A 286 -10.94 6.72 16.35
CA GLN A 286 -10.73 7.44 17.61
C GLN A 286 -11.26 6.60 18.77
N PHE A 287 -12.51 6.15 18.66
CA PHE A 287 -13.15 5.38 19.71
C PHE A 287 -12.37 4.12 20.10
N ILE A 288 -11.86 3.41 19.09
CA ILE A 288 -11.06 2.20 19.32
C ILE A 288 -9.75 2.53 20.07
N LYS A 289 -9.15 3.66 19.74
CA LYS A 289 -7.97 4.13 20.47
C LYS A 289 -8.25 4.21 21.96
N ASP A 290 -9.37 4.83 22.30
CA ASP A 290 -9.69 5.13 23.69
C ASP A 290 -10.06 3.88 24.50
N VAL A 291 -10.71 2.91 23.87
CA VAL A 291 -11.20 1.73 24.60
C VAL A 291 -10.26 0.53 24.56
N ALA A 292 -9.37 0.50 23.58
CA ALA A 292 -8.42 -0.62 23.45
C ALA A 292 -7.38 -0.59 24.56
N ASP A 293 -6.90 -1.76 24.95
CA ASP A 293 -5.86 -1.89 25.97
C ASP A 293 -4.52 -1.29 25.53
N PRO A 294 -3.75 -0.72 26.48
CA PRO A 294 -2.39 -0.30 26.17
C PRO A 294 -1.53 -1.50 25.75
N THR A 295 -1.96 -2.68 26.19
CA THR A 295 -1.27 -3.93 25.86
C THR A 295 -1.81 -4.54 24.54
N SER A 296 -2.93 -4.03 24.05
CA SER A 296 -3.54 -4.50 22.80
C SER A 296 -2.65 -4.24 21.59
N LYS A 297 -2.49 -5.28 20.77
CA LYS A 297 -1.66 -5.20 19.56
C LYS A 297 -2.34 -5.85 18.36
N ILE A 298 -2.33 -5.15 17.23
CA ILE A 298 -2.80 -5.70 15.96
C ILE A 298 -1.58 -6.13 15.15
N TRP A 299 -1.46 -7.45 14.95
CA TRP A 299 -0.26 -8.04 14.36
C TRP A 299 1.04 -7.64 15.09
N MSE A 300 1.88 -6.85 14.43
CA MSE A 300 3.21 -6.49 14.94
C MSE A 300 3.22 -5.13 15.64
O MSE A 300 4.20 -4.77 16.30
CB MSE A 300 4.23 -6.51 13.81
CG MSE A 300 5.68 -6.20 14.17
SE MSE A 300 6.72 -5.75 12.56
CE MSE A 300 8.49 -5.51 13.37
N HIS A 301 2.13 -4.39 15.51
CA HIS A 301 2.04 -3.02 16.04
C HIS A 301 1.06 -2.90 17.20
N ASN A 302 1.26 -1.87 18.03
CA ASN A 302 0.32 -1.48 19.06
C ASN A 302 -0.97 -0.94 18.44
N THR A 303 -2.11 -1.33 19.01
CA THR A 303 -3.43 -0.98 18.47
C THR A 303 -3.66 0.53 18.35
N LYS A 304 -3.48 1.26 19.45
CA LYS A 304 -3.61 2.72 19.45
C LYS A 304 -2.70 3.36 18.38
N ALA A 305 -1.48 2.84 18.26
CA ALA A 305 -0.52 3.35 17.29
C ALA A 305 -1.02 3.12 15.87
N LEU A 306 -1.54 1.93 15.59
CA LEU A 306 -2.06 1.62 14.26
C LEU A 306 -3.28 2.47 13.93
N MSE A 307 -4.15 2.71 14.92
CA MSE A 307 -5.30 3.60 14.73
C MSE A 307 -4.84 5.01 14.30
O MSE A 307 -5.39 5.55 13.35
CB MSE A 307 -6.17 3.68 15.98
CG MSE A 307 -6.90 2.39 16.38
SE MSE A 307 -7.57 1.24 14.94
CE MSE A 307 -8.92 2.37 14.19
N ASN A 308 -3.84 5.55 14.98
CA ASN A 308 -3.24 6.84 14.59
C ASN A 308 -2.74 6.84 13.15
N HIS A 309 -1.93 5.84 12.81
CA HIS A 309 -1.44 5.67 11.45
C HIS A 309 -2.57 5.61 10.45
N LYS A 310 -3.62 4.85 10.77
CA LYS A 310 -4.78 4.76 9.90
C LYS A 310 -5.61 6.05 9.88
N ILE A 311 -5.61 6.78 10.98
CA ILE A 311 -6.23 8.12 11.05
C ILE A 311 -5.48 9.12 10.16
N ALA A 312 -4.16 9.20 10.33
CA ALA A 312 -3.31 10.06 9.51
C ALA A 312 -3.49 9.79 8.02
N ALA A 313 -3.49 8.51 7.65
CA ALA A 313 -3.54 8.09 6.25
C ALA A 313 -4.83 8.56 5.58
N ILE A 314 -5.93 8.47 6.30
CA ILE A 314 -7.23 8.92 5.81
C ILE A 314 -7.32 10.45 5.79
N GLN A 315 -6.82 11.08 6.86
CA GLN A 315 -6.77 12.53 6.92
C GLN A 315 -5.94 13.07 5.75
N LYS A 316 -4.90 12.32 5.40
CA LYS A 316 -4.03 12.63 4.25
C LYS A 316 -4.80 12.48 2.93
N LEU A 317 -5.57 11.40 2.80
CA LEU A 317 -6.45 11.22 1.65
C LEU A 317 -7.50 12.32 1.58
N GLU A 318 -8.05 12.71 2.74
CA GLU A 318 -9.00 13.82 2.85
C GLU A 318 -8.38 15.14 2.44
N ARG A 319 -7.11 15.34 2.80
CA ARG A 319 -6.38 16.59 2.56
C ARG A 319 -6.17 16.89 1.07
N SER A 320 -5.86 15.85 0.30
CA SER A 320 -5.95 15.91 -1.16
C SER A 320 -7.42 15.64 -1.52
N ASN A 321 -7.68 15.00 -2.65
CA ASN A 321 -9.05 14.61 -2.97
C ASN A 321 -9.13 13.17 -3.43
N ASN A 322 -8.51 12.29 -2.64
CA ASN A 322 -8.32 10.91 -3.03
C ASN A 322 -9.19 9.90 -2.27
N VAL A 323 -10.08 10.40 -1.42
CA VAL A 323 -10.95 9.52 -0.65
C VAL A 323 -12.07 8.90 -1.48
N ASN A 324 -11.97 7.59 -1.68
CA ASN A 324 -13.01 6.77 -2.31
C ASN A 324 -12.99 5.36 -1.73
N ASP A 325 -13.92 4.51 -2.15
CA ASP A 325 -14.02 3.14 -1.63
C ASP A 325 -12.78 2.29 -1.87
N GLU A 326 -12.20 2.38 -3.06
CA GLU A 326 -10.96 1.66 -3.38
C GLU A 326 -9.82 2.10 -2.46
N THR A 327 -9.63 3.41 -2.36
CA THR A 327 -8.49 3.98 -1.62
C THR A 327 -8.61 3.87 -0.09
N LEU A 328 -9.84 3.81 0.42
CA LEU A 328 -10.10 3.64 1.86
C LEU A 328 -9.89 2.20 2.26
N GLU A 329 -10.38 1.30 1.42
CA GLU A 329 -10.21 -0.14 1.60
C GLU A 329 -8.73 -0.51 1.79
N SER A 330 -7.85 0.13 1.02
CA SER A 330 -6.41 -0.07 1.16
C SER A 330 -5.93 0.25 2.58
N VAL A 331 -6.48 1.29 3.20
CA VAL A 331 -6.14 1.65 4.57
C VAL A 331 -6.79 0.69 5.56
N LEU A 332 -8.09 0.46 5.40
CA LEU A 332 -8.79 -0.44 6.31
C LEU A 332 -8.18 -1.86 6.36
N SER A 333 -7.52 -2.26 5.29
CA SER A 333 -6.97 -3.61 5.19
C SER A 333 -5.47 -3.71 5.54
N SER A 334 -4.82 -2.57 5.68
CA SER A 334 -3.39 -2.53 5.99
C SER A 334 -3.12 -2.94 7.43
N LYS A 335 -1.97 -3.59 7.64
CA LYS A 335 -1.54 -3.93 8.99
C LYS A 335 -0.15 -3.35 9.22
N GLY A 336 0.22 -2.38 8.38
CA GLY A 336 1.53 -1.78 8.44
C GLY A 336 2.63 -2.78 8.17
N GLU A 337 2.38 -3.72 7.26
CA GLU A 337 3.37 -4.72 6.86
C GLU A 337 4.50 -4.11 6.04
N ASN A 338 4.24 -2.93 5.49
CA ASN A 338 5.25 -2.13 4.83
C ASN A 338 5.83 -1.13 5.85
N LEU A 339 6.87 -1.57 6.56
CA LEU A 339 7.48 -0.80 7.64
C LEU A 339 8.10 0.53 7.21
N SER A 340 8.61 0.56 5.98
CA SER A 340 9.09 1.81 5.38
C SER A 340 7.98 2.85 5.31
N GLU A 341 6.79 2.39 4.91
CA GLU A 341 5.62 3.25 4.84
C GLU A 341 5.13 3.61 6.24
N TYR A 342 4.98 2.60 7.08
CA TYR A 342 4.53 2.76 8.47
C TYR A 342 5.43 3.69 9.28
N LEU A 343 6.74 3.58 9.10
CA LEU A 343 7.70 4.35 9.89
C LEU A 343 7.94 5.76 9.34
N SER A 344 7.40 6.04 8.15
CA SER A 344 7.53 7.38 7.55
C SER A 344 6.67 8.39 8.29
N TYR A 345 5.59 7.91 8.91
CA TYR A 345 4.67 8.75 9.69
C TYR A 345 5.26 9.20 11.04
N LYS A 346 6.12 8.37 11.62
CA LYS A 346 6.73 8.66 12.93
C LYS A 346 7.83 9.72 12.84
N TYR A 347 8.74 9.57 11.89
CA TYR A 347 9.87 10.49 11.74
C TYR A 347 9.48 11.70 10.89
N SER B 25 -1.82 -16.31 4.13
CA SER B 25 -0.53 -17.00 3.85
C SER B 25 0.64 -16.37 4.62
N MSE B 26 0.31 -15.44 5.52
CA MSE B 26 1.30 -14.76 6.36
C MSE B 26 0.69 -14.32 7.69
O MSE B 26 1.22 -14.62 8.75
CB MSE B 26 1.91 -13.56 5.62
CG MSE B 26 2.65 -12.58 6.52
SE MSE B 26 3.78 -11.31 5.56
CE MSE B 26 3.97 -9.99 6.97
N PRO B 28 -0.64 -16.84 9.33
CA PRO B 28 -0.20 -17.14 10.68
C PRO B 28 -0.32 -18.63 10.99
N GLU B 29 -1.56 -19.10 11.08
CA GLU B 29 -1.87 -20.52 11.22
C GLU B 29 -2.89 -20.95 10.17
N TYR B 30 -2.99 -20.16 9.10
CA TYR B 30 -3.88 -20.45 7.97
C TYR B 30 -3.29 -19.92 6.65
N ASP B 31 -3.64 -20.59 5.55
CA ASP B 31 -3.17 -20.20 4.22
C ASP B 31 -4.19 -19.28 3.54
N TYR B 32 -5.34 -19.83 3.20
CA TYR B 32 -6.43 -19.06 2.61
C TYR B 32 -7.36 -18.58 3.71
N LEU B 33 -8.28 -17.69 3.36
CA LEU B 33 -9.23 -17.14 4.31
C LEU B 33 -10.52 -16.76 3.58
N PHE B 34 -11.61 -17.46 3.88
CA PHE B 34 -12.88 -17.20 3.22
C PHE B 34 -13.87 -16.47 4.14
N LYS B 35 -14.20 -15.24 3.77
CA LYS B 35 -15.10 -14.39 4.54
C LYS B 35 -16.53 -14.69 4.14
N LEU B 36 -17.38 -15.00 5.12
CA LEU B 36 -18.75 -15.41 4.84
C LEU B 36 -19.81 -14.53 5.50
N LEU B 37 -20.78 -14.10 4.72
CA LEU B 37 -21.91 -13.32 5.24
C LEU B 37 -23.08 -14.21 5.63
N LEU B 38 -23.63 -13.97 6.81
CA LEU B 38 -24.83 -14.66 7.26
C LEU B 38 -26.00 -13.67 7.34
N ILE B 39 -26.57 -13.36 6.19
CA ILE B 39 -27.66 -12.40 6.10
C ILE B 39 -29.00 -13.02 6.54
N GLY B 40 -29.65 -12.39 7.53
CA GLY B 40 -30.93 -12.86 8.05
C GLY B 40 -31.42 -12.10 9.27
N ASP B 41 -32.74 -12.06 9.45
CA ASP B 41 -33.38 -11.34 10.55
C ASP B 41 -33.31 -12.06 11.89
N SER B 42 -33.67 -11.36 12.96
CA SER B 42 -33.71 -11.93 14.31
C SER B 42 -34.99 -12.73 14.51
N GLY B 43 -34.87 -13.85 15.22
CA GLY B 43 -35.99 -14.76 15.43
C GLY B 43 -36.21 -15.67 14.24
N VAL B 44 -35.17 -15.80 13.41
CA VAL B 44 -35.21 -16.60 12.19
C VAL B 44 -34.56 -17.96 12.41
N GLY B 45 -33.68 -18.05 13.40
CA GLY B 45 -33.01 -19.30 13.75
C GLY B 45 -31.63 -19.42 13.15
N LYS B 46 -30.90 -18.31 13.11
CA LYS B 46 -29.53 -18.28 12.60
C LYS B 46 -28.57 -19.01 13.52
N SER B 47 -28.59 -18.62 14.80
CA SER B 47 -27.63 -19.10 15.81
C SER B 47 -27.32 -20.60 15.78
N CYS B 48 -28.30 -21.40 15.38
CA CYS B 48 -28.17 -22.86 15.38
C CYS B 48 -27.47 -23.40 14.14
N LEU B 49 -26.94 -22.49 13.31
CA LEU B 49 -26.07 -22.84 12.19
C LEU B 49 -24.62 -22.63 12.58
N LEU B 50 -24.37 -21.53 13.29
CA LEU B 50 -23.04 -21.17 13.77
C LEU B 50 -22.75 -21.70 15.18
N LEU B 51 -23.27 -22.90 15.47
CA LEU B 51 -23.01 -23.57 16.74
C LEU B 51 -21.74 -24.42 16.65
N ARG B 52 -21.47 -24.93 15.45
CA ARG B 52 -20.24 -25.67 15.18
C ARG B 52 -19.21 -24.74 14.51
N PHE B 53 -19.42 -23.45 14.74
CA PHE B 53 -18.46 -22.40 14.45
C PHE B 53 -18.00 -21.84 15.80
N ALA B 54 -16.70 -21.96 16.07
CA ALA B 54 -16.14 -21.51 17.34
C ALA B 54 -16.02 -19.99 17.41
N ASP B 55 -16.33 -19.43 18.59
CA ASP B 55 -16.10 -18.02 18.87
C ASP B 55 -14.60 -17.72 18.91
N ASP B 56 -14.24 -16.48 18.58
CA ASP B 56 -12.85 -16.07 18.55
C ASP B 56 -12.25 -16.07 19.96
N THR B 57 -11.35 -17.00 20.19
CA THR B 57 -10.67 -17.19 21.48
C THR B 57 -10.11 -15.90 22.10
N TYR B 58 -9.77 -14.94 21.24
CA TYR B 58 -9.15 -13.69 21.67
C TYR B 58 -10.10 -12.84 22.52
N THR B 59 -9.51 -12.09 23.44
CA THR B 59 -10.28 -11.19 24.31
C THR B 59 -9.45 -10.03 24.85
N GLU B 60 -10.11 -8.88 24.97
CA GLU B 60 -9.62 -7.74 25.75
C GLU B 60 -10.79 -6.99 26.37
N SER B 61 -10.49 -5.98 27.19
CA SER B 61 -11.50 -5.27 27.99
C SER B 61 -12.80 -4.95 27.25
N TYR B 62 -12.69 -4.24 26.13
CA TYR B 62 -13.87 -3.75 25.41
C TYR B 62 -14.65 -4.83 24.65
N ILE B 63 -13.93 -5.73 24.00
CA ILE B 63 -14.57 -6.84 23.28
C ILE B 63 -15.34 -7.74 24.25
N SER B 64 -14.82 -7.85 25.47
CA SER B 64 -15.45 -8.67 26.52
C SER B 64 -16.85 -8.20 26.92
N THR B 65 -17.07 -6.90 26.93
CA THR B 65 -18.33 -6.32 27.39
C THR B 65 -19.50 -6.52 26.42
N ILE B 66 -19.20 -6.61 25.13
CA ILE B 66 -20.25 -6.65 24.12
C ILE B 66 -20.18 -7.87 23.20
N GLY B 67 -18.97 -8.42 23.06
CA GLY B 67 -18.76 -9.55 22.15
C GLY B 67 -18.52 -9.07 20.72
N VAL B 68 -18.67 -9.98 19.77
CA VAL B 68 -18.52 -9.65 18.34
C VAL B 68 -19.64 -10.26 17.51
N ASP B 69 -19.67 -9.93 16.22
CA ASP B 69 -20.68 -10.45 15.30
C ASP B 69 -20.14 -11.46 14.27
N PHE B 70 -19.08 -12.17 14.65
CA PHE B 70 -18.50 -13.19 13.77
C PHE B 70 -17.97 -14.43 14.49
N LYS B 71 -17.88 -15.53 13.75
CA LYS B 71 -17.35 -16.81 14.25
C LYS B 71 -16.29 -17.38 13.30
N ILE B 72 -15.30 -18.07 13.87
CA ILE B 72 -14.15 -18.57 13.11
C ILE B 72 -14.11 -20.10 13.06
N ARG B 73 -13.44 -20.66 12.05
CA ARG B 73 -13.32 -22.11 11.89
C ARG B 73 -12.17 -22.47 10.94
N THR B 74 -11.37 -23.44 11.34
CA THR B 74 -10.21 -23.88 10.56
C THR B 74 -10.38 -25.32 10.04
N ILE B 75 -10.20 -25.52 8.74
CA ILE B 75 -10.24 -26.87 8.17
C ILE B 75 -9.06 -27.16 7.22
N GLU B 76 -8.52 -28.37 7.35
CA GLU B 76 -7.56 -28.94 6.42
C GLU B 76 -8.25 -29.21 5.09
N LEU B 77 -7.66 -28.71 3.99
CA LEU B 77 -8.23 -28.88 2.67
C LEU B 77 -7.10 -28.87 1.65
N ASP B 78 -7.01 -29.93 0.86
CA ASP B 78 -5.91 -30.15 -0.09
C ASP B 78 -4.53 -30.09 0.60
N GLY B 79 -4.50 -30.39 1.89
CA GLY B 79 -3.28 -30.34 2.69
C GLY B 79 -2.89 -28.94 3.11
N LYS B 80 -3.87 -28.03 3.16
CA LYS B 80 -3.62 -26.63 3.52
C LYS B 80 -4.69 -26.11 4.48
N THR B 81 -4.26 -25.33 5.46
CA THR B 81 -5.16 -24.78 6.48
C THR B 81 -5.96 -23.58 5.95
N ILE B 82 -7.28 -23.72 5.94
CA ILE B 82 -8.17 -22.66 5.48
C ILE B 82 -9.04 -22.15 6.63
N LYS B 83 -9.14 -20.83 6.74
CA LYS B 83 -9.94 -20.22 7.80
C LYS B 83 -11.27 -19.65 7.28
N LEU B 84 -12.37 -20.14 7.83
CA LEU B 84 -13.70 -19.60 7.56
C LEU B 84 -14.00 -18.51 8.59
N GLN B 85 -14.70 -17.47 8.17
CA GLN B 85 -15.10 -16.38 9.06
C GLN B 85 -16.52 -15.91 8.75
N ILE B 86 -17.46 -16.29 9.61
CA ILE B 86 -18.89 -16.05 9.40
C ILE B 86 -19.36 -14.77 10.08
N TRP B 87 -19.96 -13.88 9.30
CA TRP B 87 -20.46 -12.61 9.83
C TRP B 87 -21.97 -12.58 9.98
N ASP B 88 -22.44 -12.71 11.21
CA ASP B 88 -23.82 -12.39 11.54
C ASP B 88 -23.86 -10.87 11.75
N THR B 89 -23.79 -10.15 10.63
CA THR B 89 -23.65 -8.69 10.63
C THR B 89 -24.53 -8.04 11.70
N ALA B 90 -23.90 -7.34 12.64
CA ALA B 90 -24.63 -6.75 13.76
C ALA B 90 -25.49 -5.58 13.31
N GLY B 91 -26.80 -5.73 13.49
CA GLY B 91 -27.77 -4.67 13.16
C GLY B 91 -28.13 -4.56 11.70
N GLN B 92 -28.17 -5.69 11.01
CA GLN B 92 -28.62 -5.74 9.60
C GLN B 92 -30.11 -5.42 9.57
N GLU B 93 -30.82 -5.84 10.61
CA GLU B 93 -32.26 -5.66 10.76
C GLU B 93 -32.74 -4.27 10.37
N ARG B 94 -32.05 -3.27 10.91
CA ARG B 94 -32.45 -1.88 10.80
C ARG B 94 -32.27 -1.34 9.38
N PHE B 95 -31.41 -1.97 8.59
CA PHE B 95 -31.06 -1.47 7.27
C PHE B 95 -31.15 -2.56 6.19
N ARG B 96 -32.19 -2.48 5.37
CA ARG B 96 -32.38 -3.41 4.28
C ARG B 96 -32.31 -2.71 2.92
N THR B 97 -31.53 -1.64 2.86
CA THR B 97 -31.23 -0.94 1.61
C THR B 97 -29.93 -1.50 1.04
N ILE B 98 -30.01 -2.10 -0.15
CA ILE B 98 -28.88 -2.80 -0.77
C ILE B 98 -28.05 -1.88 -1.67
N THR B 99 -26.86 -1.52 -1.19
CA THR B 99 -25.88 -0.79 -1.99
C THR B 99 -24.81 -1.77 -2.47
N SER B 100 -23.99 -2.21 -1.51
CA SER B 100 -22.88 -3.13 -1.76
C SER B 100 -22.13 -3.32 -0.45
N SER B 101 -22.77 -3.99 0.50
CA SER B 101 -22.20 -4.21 1.82
C SER B 101 -22.22 -5.68 2.21
N ARG B 104 -19.93 -6.98 -0.78
CA ARG B 104 -18.87 -6.41 -1.60
C ARG B 104 -17.52 -7.07 -1.32
N GLY B 105 -17.33 -7.50 -0.08
CA GLY B 105 -16.09 -8.15 0.33
C GLY B 105 -16.15 -9.66 0.33
N ALA B 106 -17.25 -10.19 0.88
CA ALA B 106 -17.42 -11.62 1.13
C ALA B 106 -17.16 -12.54 -0.07
N HIS B 107 -16.58 -13.71 0.22
CA HIS B 107 -16.37 -14.75 -0.77
C HIS B 107 -17.63 -15.60 -0.93
N GLY B 108 -18.52 -15.52 0.06
CA GLY B 108 -19.76 -16.29 0.05
C GLY B 108 -20.86 -15.70 0.90
N ILE B 109 -22.06 -15.63 0.34
CA ILE B 109 -23.24 -15.11 1.03
C ILE B 109 -24.24 -16.23 1.33
N ILE B 110 -24.73 -16.25 2.57
CA ILE B 110 -25.69 -17.26 3.01
C ILE B 110 -26.93 -16.57 3.57
N VAL B 111 -28.09 -16.91 3.02
CA VAL B 111 -29.36 -16.32 3.47
C VAL B 111 -30.21 -17.37 4.18
N VAL B 112 -30.66 -17.05 5.38
CA VAL B 112 -31.40 -17.98 6.24
C VAL B 112 -32.84 -17.48 6.41
N TYR B 113 -33.79 -18.43 6.44
CA TYR B 113 -35.19 -18.12 6.69
C TYR B 113 -35.84 -19.07 7.69
N VAL B 115 -38.79 -21.02 8.71
CA VAL B 115 -39.41 -22.29 8.31
C VAL B 115 -40.68 -22.57 9.12
N THR B 116 -40.58 -22.40 10.44
CA THR B 116 -41.75 -22.41 11.31
C THR B 116 -42.28 -20.98 11.42
N ASP B 117 -42.33 -20.31 10.28
CA ASP B 117 -42.55 -18.87 10.19
C ASP B 117 -43.07 -18.53 8.79
N GLN B 118 -44.12 -17.71 8.73
CA GLN B 118 -44.75 -17.36 7.46
C GLN B 118 -43.97 -16.27 6.69
N GLU B 119 -43.78 -15.13 7.34
CA GLU B 119 -43.13 -13.97 6.71
C GLU B 119 -41.61 -14.12 6.52
N SER B 120 -41.03 -15.14 7.15
CA SER B 120 -39.58 -15.36 7.08
C SER B 120 -39.08 -15.58 5.65
N PHE B 121 -39.83 -16.36 4.87
CA PHE B 121 -39.49 -16.64 3.47
C PHE B 121 -39.86 -15.48 2.55
N ASN B 122 -40.97 -14.80 2.85
CA ASN B 122 -41.48 -13.69 2.05
C ASN B 122 -40.50 -12.52 1.99
N ASN B 123 -39.93 -12.20 3.14
CA ASN B 123 -38.94 -11.12 3.25
C ASN B 123 -37.62 -11.50 2.59
N VAL B 124 -37.19 -12.74 2.81
CA VAL B 124 -35.98 -13.30 2.21
C VAL B 124 -36.07 -13.33 0.68
N LYS B 125 -37.28 -13.49 0.17
CA LYS B 125 -37.54 -13.49 -1.27
C LYS B 125 -37.08 -12.20 -1.95
N GLN B 126 -37.24 -11.08 -1.27
CA GLN B 126 -36.82 -9.77 -1.80
C GLN B 126 -35.31 -9.56 -1.67
N TRP B 127 -34.73 -10.06 -0.57
CA TRP B 127 -33.29 -9.90 -0.33
C TRP B 127 -32.46 -10.73 -1.31
N LEU B 128 -32.75 -12.02 -1.38
CA LEU B 128 -32.02 -12.98 -2.21
C LEU B 128 -31.98 -12.58 -3.69
N GLN B 129 -33.01 -11.87 -4.15
CA GLN B 129 -33.07 -11.38 -5.52
C GLN B 129 -32.29 -10.10 -5.72
N GLU B 130 -32.40 -9.17 -4.76
CA GLU B 130 -31.68 -7.91 -4.81
C GLU B 130 -30.18 -8.11 -4.52
N ILE B 131 -29.84 -9.31 -4.06
CA ILE B 131 -28.45 -9.73 -3.89
C ILE B 131 -27.91 -10.32 -5.20
N ASP B 132 -28.71 -11.19 -5.82
CA ASP B 132 -28.35 -11.85 -7.08
C ASP B 132 -28.14 -10.86 -8.22
N ARG B 133 -28.93 -9.77 -8.21
CA ARG B 133 -28.83 -8.75 -9.24
C ARG B 133 -27.59 -7.85 -9.08
N TYR B 134 -27.13 -7.69 -7.84
CA TYR B 134 -25.98 -6.83 -7.55
C TYR B 134 -24.85 -7.58 -6.83
N ALA B 135 -24.16 -8.45 -7.57
CA ALA B 135 -23.04 -9.22 -7.02
C ALA B 135 -21.82 -9.18 -7.93
N GLU B 137 -22.22 -14.15 -10.27
CA GLU B 137 -20.91 -13.66 -9.89
C GLU B 137 -20.03 -14.77 -9.32
N ASN B 138 -18.78 -14.43 -8.98
CA ASN B 138 -17.81 -15.38 -8.42
C ASN B 138 -18.18 -15.79 -7.00
N VAL B 139 -19.03 -15.00 -6.35
CA VAL B 139 -19.44 -15.24 -4.97
C VAL B 139 -20.39 -16.43 -4.82
N ASN B 140 -20.12 -17.26 -3.81
CA ASN B 140 -20.98 -18.40 -3.49
C ASN B 140 -22.27 -18.00 -2.81
N LYS B 141 -23.34 -18.73 -3.11
CA LYS B 141 -24.64 -18.47 -2.51
C LYS B 141 -25.33 -19.76 -2.09
N LEU B 142 -25.92 -19.75 -0.89
CA LEU B 142 -26.63 -20.90 -0.34
C LEU B 142 -27.78 -20.44 0.55
N LEU B 143 -29.00 -20.82 0.16
CA LEU B 143 -30.20 -20.47 0.92
C LEU B 143 -30.56 -21.55 1.93
N VAL B 144 -30.97 -21.13 3.12
CA VAL B 144 -31.32 -22.06 4.20
C VAL B 144 -32.75 -21.78 4.70
N ASN B 146 -34.22 -24.27 7.83
CA ASN B 146 -33.85 -24.66 9.19
C ASN B 146 -34.87 -24.21 10.23
N LYS B 147 -34.92 -24.94 11.33
CA LYS B 147 -35.77 -24.58 12.47
C LYS B 147 -35.10 -25.00 13.79
N CYS B 148 -34.95 -24.03 14.68
CA CYS B 148 -34.43 -24.31 16.02
C CYS B 148 -35.57 -24.21 17.02
N ASP B 149 -35.31 -24.67 18.26
CA ASP B 149 -36.35 -24.80 19.28
C ASP B 149 -37.54 -25.53 18.66
N LEU B 150 -37.33 -26.81 18.36
CA LEU B 150 -38.27 -27.63 17.58
C LEU B 150 -39.67 -27.70 18.22
N THR B 151 -40.47 -26.68 17.93
CA THR B 151 -41.84 -26.56 18.46
C THR B 151 -42.73 -25.83 17.45
N LYS B 154 -43.91 -25.62 11.20
CA LYS B 154 -43.37 -25.65 9.85
C LYS B 154 -44.45 -25.33 8.82
N VAL B 155 -44.49 -24.09 8.36
CA VAL B 155 -45.47 -23.63 7.39
C VAL B 155 -44.86 -23.48 5.98
N VAL B 156 -43.58 -23.85 5.84
CA VAL B 156 -42.85 -23.73 4.58
C VAL B 156 -42.43 -25.09 4.02
N ASP B 157 -42.78 -25.35 2.76
CA ASP B 157 -42.55 -26.65 2.11
C ASP B 157 -41.18 -26.76 1.44
N TYR B 158 -40.81 -27.98 1.06
CA TYR B 158 -39.53 -28.27 0.41
C TYR B 158 -39.54 -27.93 -1.09
N THR B 159 -40.40 -26.98 -1.48
CA THR B 159 -40.49 -26.54 -2.87
C THR B 159 -40.90 -25.06 -2.98
N THR B 160 -41.92 -24.68 -2.20
CA THR B 160 -42.50 -23.33 -2.21
C THR B 160 -41.61 -22.25 -2.82
N LYS B 162 -37.23 -24.89 -2.53
CA LYS B 162 -36.38 -25.40 -3.60
C LYS B 162 -36.71 -24.74 -4.94
N GLU B 163 -37.98 -24.37 -5.12
CA GLU B 163 -38.46 -23.75 -6.35
C GLU B 163 -37.97 -22.33 -6.57
N PHE B 164 -38.03 -21.51 -5.51
CA PHE B 164 -37.57 -20.13 -5.56
C PHE B 164 -36.06 -20.05 -5.68
N ALA B 165 -35.37 -20.99 -5.03
CA ALA B 165 -33.91 -21.05 -5.03
C ALA B 165 -33.34 -21.48 -6.39
N ASP B 166 -33.99 -22.45 -7.02
CA ASP B 166 -33.58 -22.95 -8.34
C ASP B 166 -33.90 -21.96 -9.46
N SER B 167 -34.77 -20.99 -9.17
CA SER B 167 -35.15 -19.95 -10.13
C SER B 167 -34.00 -18.99 -10.44
N LEU B 168 -33.11 -18.80 -9.46
CA LEU B 168 -32.00 -17.88 -9.58
C LEU B 168 -30.64 -18.59 -9.66
N GLY B 169 -30.62 -19.87 -9.25
CA GLY B 169 -29.41 -20.68 -9.28
C GLY B 169 -28.67 -20.68 -7.96
N ILE B 170 -29.39 -21.01 -6.88
CA ILE B 170 -28.81 -21.03 -5.53
C ILE B 170 -29.23 -22.32 -4.81
N PRO B 171 -28.23 -23.09 -4.31
CA PRO B 171 -28.47 -24.29 -3.50
C PRO B 171 -29.27 -24.02 -2.22
N PHE B 172 -30.36 -24.76 -2.04
CA PHE B 172 -31.22 -24.65 -0.86
C PHE B 172 -31.04 -25.85 0.07
N LEU B 173 -31.21 -25.63 1.38
CA LEU B 173 -31.07 -26.69 2.36
C LEU B 173 -31.94 -26.49 3.61
N GLU B 174 -32.71 -27.52 3.95
CA GLU B 174 -33.39 -27.59 5.24
C GLU B 174 -32.51 -28.36 6.21
N THR B 175 -32.12 -27.71 7.30
CA THR B 175 -31.16 -28.30 8.25
C THR B 175 -31.62 -28.23 9.70
N SER B 176 -30.96 -29.00 10.55
CA SER B 176 -31.22 -29.06 12.00
C SER B 176 -32.70 -29.22 12.35
N ALA B 180 -26.99 -30.34 14.65
CA ALA B 180 -26.63 -31.47 13.81
C ALA B 180 -25.23 -31.29 13.21
N THR B 181 -24.60 -32.41 12.86
CA THR B 181 -23.33 -32.41 12.15
C THR B 181 -23.59 -32.22 10.65
N ASN B 182 -24.85 -32.41 10.27
CA ASN B 182 -25.31 -32.26 8.89
C ASN B 182 -25.15 -30.83 8.36
N VAL B 183 -25.29 -29.85 9.25
CA VAL B 183 -25.16 -28.44 8.88
C VAL B 183 -23.70 -27.99 8.81
N GLU B 184 -22.86 -28.55 9.68
CA GLU B 184 -21.42 -28.27 9.67
C GLU B 184 -20.78 -28.84 8.40
N GLN B 185 -21.20 -30.04 8.03
CA GLN B 185 -20.74 -30.70 6.80
C GLN B 185 -21.24 -29.98 5.55
N SER B 186 -22.33 -29.23 5.70
CA SER B 186 -22.86 -28.41 4.60
C SER B 186 -22.01 -27.16 4.38
N PHE B 187 -21.24 -26.79 5.40
CA PHE B 187 -20.29 -25.67 5.30
C PHE B 187 -18.92 -26.10 4.79
N MSE B 188 -18.44 -27.25 5.28
CA MSE B 188 -17.14 -27.80 4.86
C MSE B 188 -17.16 -28.27 3.40
O MSE B 188 -16.12 -28.60 2.83
CB MSE B 188 -16.70 -28.94 5.80
CG MSE B 188 -16.72 -28.58 7.28
SE MSE B 188 -15.54 -27.10 7.81
CE MSE B 188 -16.69 -26.32 9.18
N THR B 189 -18.36 -28.30 2.81
CA THR B 189 -18.54 -28.58 1.40
C THR B 189 -18.55 -27.26 0.61
N MSE B 190 -19.15 -26.24 1.19
CA MSE B 190 -19.16 -24.89 0.59
C MSE B 190 -17.76 -24.28 0.64
O MSE B 190 -17.38 -23.50 -0.24
CB MSE B 190 -20.15 -23.98 1.32
CG MSE B 190 -20.57 -22.75 0.53
SE MSE B 190 -20.87 -21.18 1.65
CE MSE B 190 -21.88 -20.07 0.42
N ALA B 191 -16.99 -24.64 1.66
CA ALA B 191 -15.60 -24.19 1.83
C ALA B 191 -14.65 -24.92 0.89
N ALA B 192 -15.20 -25.65 -0.08
CA ALA B 192 -14.40 -26.35 -1.09
C ALA B 192 -14.71 -25.83 -2.49
N GLU B 193 -15.84 -25.12 -2.62
CA GLU B 193 -16.24 -24.53 -3.89
C GLU B 193 -15.43 -23.26 -4.17
N ILE B 194 -15.12 -22.52 -3.11
CA ILE B 194 -14.29 -21.31 -3.20
C ILE B 194 -12.83 -21.69 -3.51
N LYS B 195 -12.39 -22.82 -2.97
CA LYS B 195 -11.04 -23.35 -3.18
C LYS B 195 -10.82 -23.71 -4.66
N LYS B 196 -11.83 -24.33 -5.27
CA LYS B 196 -11.81 -24.65 -6.69
C LYS B 196 -11.85 -23.38 -7.56
N ARG B 197 -12.26 -22.26 -6.95
CA ARG B 197 -12.37 -20.99 -7.66
C ARG B 197 -11.09 -20.15 -7.52
N MSE B 198 -10.03 -20.75 -6.95
CA MSE B 198 -8.74 -20.08 -6.79
C MSE B 198 -7.58 -20.99 -7.13
O MSE B 198 -6.75 -20.68 -7.99
CB MSE B 198 -8.60 -19.53 -5.36
CG MSE B 198 -9.37 -18.24 -5.11
SE MSE B 198 -9.64 -17.86 -3.22
CE MSE B 198 -10.55 -16.14 -3.39
N PRO C 22 36.14 16.05 -36.30
CA PRO C 22 35.98 14.61 -36.45
C PRO C 22 34.50 14.23 -36.44
N SER C 23 33.89 14.15 -37.63
CA SER C 23 32.45 13.98 -37.73
C SER C 23 32.04 12.80 -38.61
N PHE C 24 30.73 12.68 -38.85
CA PHE C 24 30.19 11.58 -39.66
C PHE C 24 30.73 11.51 -41.09
N SER C 25 30.87 12.68 -41.73
CA SER C 25 31.43 12.78 -43.07
C SER C 25 32.83 12.15 -43.15
N ASN C 26 33.63 12.40 -42.12
CA ASN C 26 34.99 11.87 -42.02
C ASN C 26 35.03 10.36 -42.22
N MSE C 27 34.19 9.63 -41.47
CA MSE C 27 34.18 8.17 -41.53
C MSE C 27 33.64 7.63 -42.84
O MSE C 27 34.04 6.55 -43.28
CB MSE C 27 33.39 7.59 -40.37
CG MSE C 27 34.15 7.49 -39.05
SE MSE C 27 33.37 6.09 -37.91
CE MSE C 27 31.55 5.97 -38.66
N VAL C 28 32.73 8.37 -43.46
CA VAL C 28 32.17 7.96 -44.74
C VAL C 28 33.26 8.02 -45.81
N SER C 29 34.03 9.12 -45.82
CA SER C 29 35.14 9.30 -46.73
C SER C 29 36.28 8.30 -46.45
N ALA C 30 36.63 8.13 -45.19
CA ALA C 30 37.61 7.14 -44.77
C ALA C 30 37.35 5.81 -45.45
N LYS C 31 36.09 5.37 -45.38
CA LYS C 31 35.65 4.08 -45.90
C LYS C 31 35.93 3.97 -47.40
N LYS C 32 35.63 5.06 -48.11
CA LYS C 32 35.85 5.14 -49.55
C LYS C 32 37.32 4.94 -49.93
N PHE C 33 38.23 5.56 -49.18
CA PHE C 33 39.68 5.41 -49.42
C PHE C 33 40.20 4.03 -49.03
N TYR C 34 39.75 3.53 -47.89
CA TYR C 34 40.07 2.17 -47.47
C TYR C 34 39.65 1.16 -48.53
N ASN C 35 38.43 1.33 -49.06
CA ASN C 35 37.92 0.39 -50.05
C ASN C 35 38.67 0.36 -51.37
N LYS C 36 39.39 1.43 -51.66
CA LYS C 36 40.22 1.46 -52.85
C LYS C 36 41.42 0.54 -52.66
N ALA C 37 41.91 0.47 -51.44
CA ALA C 37 43.08 -0.36 -51.14
C ALA C 37 42.70 -1.84 -50.96
N ILE C 38 41.54 -2.09 -50.37
CA ILE C 38 41.05 -3.45 -50.12
C ILE C 38 40.41 -4.07 -51.37
N LYS C 39 39.56 -3.31 -52.05
CA LYS C 39 38.73 -3.91 -53.10
C LYS C 39 39.16 -3.54 -54.53
N ASP C 40 39.88 -2.43 -54.70
CA ASP C 40 40.28 -1.98 -56.03
C ASP C 40 41.74 -2.31 -56.37
N PHE C 41 42.67 -1.65 -55.69
CA PHE C 41 44.08 -1.94 -55.88
C PHE C 41 44.46 -3.12 -55.02
N THR C 42 44.13 -4.30 -55.53
CA THR C 42 44.26 -5.56 -54.81
C THR C 42 45.59 -6.26 -55.10
N ALA C 43 45.79 -7.42 -54.49
CA ALA C 43 47.02 -8.19 -54.65
C ALA C 43 47.16 -8.72 -56.07
N PRO C 44 48.40 -8.98 -56.51
CA PRO C 44 48.56 -9.66 -57.81
C PRO C 44 48.25 -11.15 -57.67
N LYS C 45 48.08 -11.86 -58.78
CA LYS C 45 47.90 -13.31 -58.72
C LYS C 45 49.00 -13.98 -57.88
N GLU C 46 48.61 -15.03 -57.17
CA GLU C 46 49.56 -15.85 -56.40
C GLU C 46 50.60 -16.40 -57.38
N GLY C 47 50.10 -16.98 -58.47
CA GLY C 47 50.93 -17.37 -59.60
C GLY C 47 50.99 -16.23 -60.59
N ALA C 48 51.88 -15.28 -60.31
CA ALA C 48 52.09 -14.13 -61.20
C ALA C 48 53.58 -13.92 -61.47
N GLU C 49 53.87 -13.50 -62.70
CA GLU C 49 55.24 -13.30 -63.16
C GLU C 49 55.89 -12.10 -62.47
N VAL C 50 55.32 -10.92 -62.68
CA VAL C 50 55.89 -9.69 -62.12
C VAL C 50 54.92 -8.93 -61.20
N VAL C 51 55.39 -7.79 -60.69
CA VAL C 51 54.66 -6.98 -59.73
C VAL C 51 55.00 -5.52 -60.04
N SER C 52 54.02 -4.63 -59.90
CA SER C 52 54.26 -3.19 -60.09
C SER C 52 54.48 -2.47 -58.77
N VAL C 53 55.56 -1.69 -58.69
CA VAL C 53 55.92 -0.95 -57.49
C VAL C 53 54.83 0.03 -57.11
N LYS C 54 54.22 0.66 -58.12
CA LYS C 54 53.18 1.65 -57.85
C LYS C 54 51.80 1.02 -57.70
N THR C 55 51.44 0.13 -58.63
CA THR C 55 50.12 -0.48 -58.63
C THR C 55 49.88 -1.38 -57.40
N HIS C 56 50.86 -2.20 -57.07
CA HIS C 56 50.68 -3.21 -56.02
C HIS C 56 51.25 -2.87 -54.64
N ILE C 57 51.99 -1.77 -54.54
CA ILE C 57 52.57 -1.41 -53.27
C ILE C 57 52.27 0.04 -52.88
N MSE C 58 52.67 0.98 -53.72
CA MSE C 58 52.49 2.41 -53.45
C MSE C 58 51.02 2.83 -53.36
O MSE C 58 50.59 3.40 -52.35
CB MSE C 58 53.22 3.26 -54.48
CG MSE C 58 54.73 3.19 -54.37
SE MSE C 58 55.49 4.50 -53.15
CE MSE C 58 54.27 4.38 -51.62
N ARG C 59 50.26 2.56 -54.42
CA ARG C 59 48.85 2.92 -54.47
C ARG C 59 48.04 2.45 -53.25
N PRO C 60 48.11 1.13 -52.91
CA PRO C 60 47.35 0.67 -51.76
C PRO C 60 47.70 1.40 -50.46
N ILE C 61 48.98 1.66 -50.23
CA ILE C 61 49.40 2.36 -49.03
C ILE C 61 49.03 3.84 -49.08
N ASP C 62 49.15 4.43 -50.27
CA ASP C 62 48.71 5.81 -50.48
C ASP C 62 47.26 5.97 -50.07
N PHE C 63 46.40 5.04 -50.52
CA PHE C 63 44.98 5.11 -50.19
C PHE C 63 44.73 4.85 -48.71
N MSE C 64 45.53 3.98 -48.13
CA MSE C 64 45.42 3.65 -46.73
C MSE C 64 45.83 4.83 -45.87
O MSE C 64 45.30 5.04 -44.79
CB MSE C 64 46.28 2.43 -46.41
CG MSE C 64 45.71 1.58 -45.31
SE MSE C 64 44.21 0.50 -45.92
CE MSE C 64 43.22 1.74 -47.03
N LEU C 65 46.79 5.60 -46.37
CA LEU C 65 47.21 6.83 -45.71
C LEU C 65 46.13 7.91 -45.79
N MSE C 66 45.41 7.97 -46.90
CA MSE C 66 44.32 8.95 -47.06
C MSE C 66 43.15 8.57 -46.17
O MSE C 66 42.49 9.45 -45.61
CB MSE C 66 43.85 9.06 -48.52
CG MSE C 66 44.92 9.46 -49.51
SE MSE C 66 44.27 9.49 -51.35
CE MSE C 66 45.90 8.95 -52.29
N GLY C 67 42.90 7.28 -46.03
CA GLY C 67 41.84 6.78 -45.17
C GLY C 67 42.13 7.04 -43.71
N LEU C 68 43.37 6.81 -43.28
CA LEU C 68 43.81 7.09 -41.91
C LEU C 68 43.70 8.56 -41.58
N ARG C 69 44.14 9.42 -42.51
CA ARG C 69 43.98 10.86 -42.34
C ARG C 69 42.52 11.23 -42.17
N GLU C 70 41.68 10.69 -43.04
CA GLU C 70 40.26 11.00 -43.06
C GLU C 70 39.56 10.52 -41.80
N GLU C 71 39.81 9.27 -41.41
CA GLU C 71 39.18 8.69 -40.23
C GLU C 71 39.44 9.50 -38.96
N PHE C 72 40.72 9.71 -38.64
CA PHE C 72 41.11 10.39 -37.40
C PHE C 72 41.19 11.90 -37.53
N ASN C 73 40.79 12.42 -38.69
CA ASN C 73 40.70 13.87 -38.92
C ASN C 73 42.08 14.52 -38.78
N LEU C 74 42.95 14.26 -39.74
CA LEU C 74 44.34 14.71 -39.68
C LEU C 74 44.68 15.68 -40.81
N TYR C 75 44.93 16.93 -40.45
CA TYR C 75 45.37 17.93 -41.42
C TYR C 75 46.52 18.77 -40.88
N SER C 76 47.41 19.18 -41.78
CA SER C 76 48.61 19.94 -41.40
C SER C 76 48.28 21.34 -40.90
N GLU C 77 49.21 21.93 -40.17
CA GLU C 77 49.02 23.29 -39.65
C GLU C 77 50.09 24.29 -40.11
N ASP C 78 49.76 25.10 -41.13
CA ASP C 78 48.47 25.03 -41.82
C ASP C 78 48.59 25.44 -43.28
N HIS C 81 48.72 19.45 -47.90
CA HIS C 81 49.69 20.03 -46.97
C HIS C 81 50.36 18.95 -46.11
N LEU C 82 49.59 17.93 -45.72
CA LEU C 82 50.09 16.87 -44.86
C LEU C 82 50.69 15.74 -45.69
N SER C 83 51.94 15.40 -45.37
CA SER C 83 52.70 14.42 -46.13
C SER C 83 52.59 13.03 -45.51
N ALA C 84 53.28 12.08 -46.11
CA ALA C 84 53.31 10.70 -45.61
C ALA C 84 53.96 10.56 -44.23
N PRO C 85 55.19 11.11 -44.03
CA PRO C 85 55.81 10.97 -42.71
C PRO C 85 55.07 11.76 -41.64
N GLY C 86 54.42 12.84 -42.08
CA GLY C 86 53.62 13.69 -41.19
C GLY C 86 52.44 12.93 -40.63
N THR C 87 51.77 12.17 -41.50
CA THR C 87 50.63 11.32 -41.14
C THR C 87 51.06 10.29 -40.10
N ILE C 88 52.15 9.58 -40.37
CA ILE C 88 52.67 8.58 -39.47
C ILE C 88 52.99 9.21 -38.11
N ARG C 89 53.69 10.34 -38.14
CA ARG C 89 54.04 11.10 -36.94
C ARG C 89 52.81 11.32 -36.04
N LEU C 90 51.76 11.87 -36.63
CA LEU C 90 50.49 12.10 -35.94
C LEU C 90 49.91 10.83 -35.31
N LEU C 91 49.90 9.75 -36.09
CA LEU C 91 49.34 8.49 -35.63
C LEU C 91 49.95 8.07 -34.30
N ARG C 92 51.26 8.25 -34.19
CA ARG C 92 52.01 7.89 -32.99
C ARG C 92 51.77 8.87 -31.84
N GLU C 93 51.89 10.16 -32.13
CA GLU C 93 51.69 11.23 -31.14
C GLU C 93 50.30 11.16 -30.49
N LYS C 94 49.27 11.08 -31.33
CA LYS C 94 47.89 11.04 -30.86
C LYS C 94 47.48 9.62 -30.50
N ASN C 95 48.46 8.71 -30.45
CA ASN C 95 48.26 7.27 -30.26
C ASN C 95 46.93 6.74 -30.79
N LEU C 96 46.87 6.51 -32.09
CA LEU C 96 45.61 6.14 -32.73
C LEU C 96 45.59 4.70 -33.25
N LEU C 97 46.77 4.09 -33.35
CA LEU C 97 46.89 2.70 -33.77
C LEU C 97 48.03 2.02 -33.00
N PRO C 98 47.95 0.69 -32.84
CA PRO C 98 49.07 -0.07 -32.28
C PRO C 98 50.37 0.22 -33.01
N GLU C 99 51.48 0.37 -32.27
CA GLU C 99 52.78 0.69 -32.87
C GLU C 99 53.09 -0.30 -33.98
N GLU C 100 52.82 -1.58 -33.73
CA GLU C 100 53.06 -2.65 -34.69
C GLU C 100 52.49 -2.31 -36.07
N GLN C 101 51.29 -1.75 -36.08
CA GLN C 101 50.62 -1.35 -37.31
C GLN C 101 51.29 -0.13 -37.94
N ILE C 102 51.53 0.90 -37.14
CA ILE C 102 52.13 2.13 -37.65
C ILE C 102 53.52 1.84 -38.21
N ALA C 103 54.29 1.04 -37.49
CA ALA C 103 55.62 0.62 -37.91
C ALA C 103 55.60 0.00 -39.31
N ARG C 104 54.70 -0.96 -39.50
CA ARG C 104 54.56 -1.68 -40.76
C ARG C 104 54.32 -0.72 -41.92
N ILE C 105 53.43 0.25 -41.73
CA ILE C 105 53.12 1.25 -42.76
C ILE C 105 54.36 2.07 -43.12
N GLU C 106 55.07 2.55 -42.10
CA GLU C 106 56.32 3.26 -42.29
C GLU C 106 57.37 2.38 -42.99
N SER C 107 57.51 1.14 -42.51
CA SER C 107 58.51 0.21 -43.02
C SER C 107 58.37 -0.02 -44.51
N VAL C 108 57.15 -0.30 -44.97
CA VAL C 108 56.88 -0.58 -46.39
C VAL C 108 56.94 0.67 -47.27
N TYR C 109 56.40 1.78 -46.78
CA TYR C 109 56.46 3.03 -47.54
C TYR C 109 57.91 3.32 -47.89
N ASN C 110 58.78 3.22 -46.88
CA ASN C 110 60.22 3.36 -47.04
C ASN C 110 60.81 2.36 -48.02
N GLN C 111 60.54 1.07 -47.79
CA GLN C 111 61.04 0.01 -48.66
C GLN C 111 60.64 0.23 -50.12
N ALA C 112 59.45 0.77 -50.31
CA ALA C 112 58.89 1.03 -51.65
C ALA C 112 59.53 2.23 -52.31
N MSE C 113 59.60 3.35 -51.58
CA MSE C 113 60.31 4.53 -52.03
C MSE C 113 61.71 4.17 -52.55
O MSE C 113 62.12 4.61 -53.62
CB MSE C 113 60.44 5.53 -50.90
CG MSE C 113 59.50 6.69 -50.97
SE MSE C 113 59.76 7.85 -49.43
CE MSE C 113 61.71 7.78 -49.22
N SER C 114 62.41 3.38 -51.75
CA SER C 114 63.76 2.96 -52.06
C SER C 114 63.81 2.18 -53.36
N LYS C 115 62.99 1.15 -53.46
CA LYS C 115 62.97 0.29 -54.64
C LYS C 115 62.56 1.02 -55.91
N ARG C 116 61.68 2.02 -55.78
CA ARG C 116 61.32 2.87 -56.91
C ARG C 116 62.55 3.62 -57.36
N PHE C 117 63.26 4.21 -56.40
CA PHE C 117 64.51 4.91 -56.68
C PHE C 117 65.54 3.98 -57.33
N GLU C 118 65.68 2.77 -56.76
CA GLU C 118 66.58 1.75 -57.29
C GLU C 118 66.24 1.41 -58.74
N LEU C 119 64.98 1.08 -59.02
CA LEU C 119 64.55 0.68 -60.35
C LEU C 119 64.65 1.80 -61.39
N HIS C 120 64.45 3.03 -60.96
CA HIS C 120 64.57 4.19 -61.84
C HIS C 120 66.02 4.48 -62.22
N ALA C 121 66.95 3.95 -61.42
CA ALA C 121 68.38 4.25 -61.59
C ALA C 121 69.19 3.13 -62.25
N GLU C 122 68.70 1.90 -62.14
CA GLU C 122 69.45 0.73 -62.59
C GLU C 122 68.91 0.12 -63.89
N HIS C 123 67.78 0.62 -64.37
CA HIS C 123 67.13 0.01 -65.53
C HIS C 123 66.88 0.96 -66.70
N LYS C 124 67.00 0.39 -67.89
CA LYS C 124 66.96 1.11 -69.17
C LYS C 124 65.69 1.96 -69.41
N LYS C 125 64.53 1.31 -69.35
CA LYS C 125 63.26 1.95 -69.67
C LYS C 125 62.17 1.60 -68.65
N GLU C 126 62.16 0.34 -68.21
CA GLU C 126 61.21 -0.13 -67.21
C GLU C 126 61.57 0.40 -65.83
N HIS C 127 60.64 1.12 -65.19
CA HIS C 127 60.93 1.83 -63.96
C HIS C 127 60.11 1.40 -62.73
N ASP C 128 58.96 0.77 -62.96
CA ASP C 128 58.05 0.43 -61.87
C ASP C 128 57.62 -1.03 -61.84
N GLU C 129 58.41 -1.91 -62.46
CA GLU C 129 58.08 -3.34 -62.51
C GLU C 129 59.25 -4.20 -62.04
N MSE C 130 58.94 -5.24 -61.28
CA MSE C 130 59.96 -6.03 -60.59
C MSE C 130 59.55 -7.51 -60.48
O MSE C 130 58.36 -7.83 -60.62
CB MSE C 130 60.22 -5.44 -59.19
CG MSE C 130 59.04 -5.48 -58.25
SE MSE C 130 59.53 -5.08 -56.42
CE MSE C 130 59.77 -3.18 -56.61
N PRO C 131 60.52 -8.41 -60.23
CA PRO C 131 60.13 -9.83 -60.06
C PRO C 131 59.40 -10.06 -58.75
N TYR C 132 58.36 -10.90 -58.80
CA TYR C 132 57.53 -11.21 -57.64
C TYR C 132 58.32 -11.61 -56.39
N SER C 133 59.35 -12.44 -56.55
CA SER C 133 60.13 -12.93 -55.42
C SER C 133 60.89 -11.81 -54.69
N ASP C 134 61.22 -10.75 -55.42
CA ASP C 134 61.80 -9.55 -54.82
C ASP C 134 60.76 -8.77 -54.02
N ALA C 135 59.50 -8.85 -54.45
CA ALA C 135 58.40 -8.13 -53.81
C ALA C 135 57.69 -8.90 -52.70
N LYS C 136 57.95 -10.22 -52.63
CA LYS C 136 57.35 -11.09 -51.62
C LYS C 136 57.18 -10.44 -50.26
N ALA C 137 58.22 -9.76 -49.78
CA ALA C 137 58.26 -9.21 -48.42
C ALA C 137 57.39 -7.97 -48.27
N MSE C 138 57.46 -7.08 -49.26
CA MSE C 138 56.65 -5.88 -49.25
C MSE C 138 55.19 -6.25 -49.45
O MSE C 138 54.30 -5.69 -48.80
CB MSE C 138 57.10 -4.89 -50.34
CG MSE C 138 58.48 -4.31 -50.12
SE MSE C 138 58.93 -2.93 -51.42
CE MSE C 138 60.80 -3.39 -51.69
N LEU C 139 54.94 -7.21 -50.34
CA LEU C 139 53.59 -7.67 -50.64
C LEU C 139 52.88 -8.18 -49.39
N ASP C 140 53.60 -8.92 -48.55
CA ASP C 140 53.05 -9.46 -47.31
C ASP C 140 52.62 -8.35 -46.38
N GLU C 141 53.45 -7.30 -46.30
CA GLU C 141 53.16 -6.14 -45.46
C GLU C 141 51.89 -5.43 -45.94
N VAL C 142 51.82 -5.21 -47.25
CA VAL C 142 50.64 -4.61 -47.87
C VAL C 142 49.41 -5.49 -47.64
N ALA C 143 49.59 -6.80 -47.69
CA ALA C 143 48.52 -7.73 -47.35
C ALA C 143 48.04 -7.50 -45.92
N LYS C 144 48.98 -7.30 -44.99
CA LYS C 144 48.63 -7.01 -43.58
C LYS C 144 48.00 -5.63 -43.38
N ILE C 145 48.47 -4.64 -44.13
CA ILE C 145 47.90 -3.30 -44.07
C ILE C 145 46.49 -3.31 -44.68
N ARG C 146 46.26 -4.18 -45.65
CA ARG C 146 44.91 -4.40 -46.15
C ARG C 146 44.00 -5.02 -45.08
N GLU C 147 44.51 -6.01 -44.35
CA GLU C 147 43.75 -6.61 -43.25
C GLU C 147 43.41 -5.56 -42.21
N LEU C 148 44.29 -4.58 -42.03
CA LEU C 148 44.01 -3.42 -41.17
C LEU C 148 42.90 -2.57 -41.78
N GLY C 149 42.96 -2.38 -43.09
CA GLY C 149 41.90 -1.68 -43.82
C GLY C 149 40.52 -2.25 -43.57
N VAL C 150 40.36 -3.56 -43.74
CA VAL C 150 39.03 -4.17 -43.54
C VAL C 150 38.57 -4.02 -42.09
N GLN C 151 39.53 -4.08 -41.17
CA GLN C 151 39.25 -3.93 -39.76
C GLN C 151 38.66 -2.55 -39.49
N ARG C 152 39.23 -1.52 -40.12
CA ARG C 152 38.69 -0.17 -39.98
C ARG C 152 37.30 -0.04 -40.61
N VAL C 153 37.11 -0.67 -41.77
CA VAL C 153 35.82 -0.61 -42.48
C VAL C 153 34.73 -1.31 -41.68
N THR C 154 35.05 -2.51 -41.19
CA THR C 154 34.14 -3.23 -40.31
C THR C 154 33.63 -2.32 -39.19
N ARG C 155 34.56 -1.75 -38.43
CA ARG C 155 34.23 -0.87 -37.32
C ARG C 155 33.32 0.26 -37.79
N ILE C 156 33.68 0.90 -38.91
CA ILE C 156 32.86 2.00 -39.43
C ILE C 156 31.44 1.52 -39.76
N GLU C 157 31.33 0.41 -40.49
CA GLU C 157 30.02 -0.16 -40.82
C GLU C 157 29.21 -0.55 -39.57
N ASN C 158 29.88 -1.13 -38.58
CA ASN C 158 29.26 -1.36 -37.27
C ASN C 158 28.78 -0.06 -36.61
N LEU C 159 29.61 0.99 -36.67
CA LEU C 159 29.24 2.30 -36.17
C LEU C 159 28.01 2.84 -36.91
N GLU C 160 28.01 2.69 -38.22
CA GLU C 160 26.89 3.12 -39.05
C GLU C 160 25.61 2.38 -38.67
N ASN C 161 25.75 1.09 -38.37
CA ASN C 161 24.62 0.30 -37.93
C ASN C 161 24.14 0.75 -36.56
N ALA C 162 25.09 0.98 -35.66
CA ALA C 162 24.80 1.57 -34.36
C ALA C 162 24.09 2.91 -34.50
N LYS C 163 24.49 3.70 -35.49
CA LYS C 163 23.84 4.97 -35.73
C LYS C 163 22.37 4.77 -36.06
N LYS C 164 22.07 3.77 -36.89
CA LYS C 164 20.69 3.42 -37.26
C LYS C 164 19.90 3.05 -36.01
N LEU C 165 20.54 2.27 -35.13
CA LEU C 165 19.91 1.82 -33.90
C LEU C 165 19.60 2.97 -32.96
N TRP C 166 20.48 3.95 -32.93
CA TRP C 166 20.26 5.17 -32.15
C TRP C 166 19.10 5.95 -32.74
N ASP C 167 19.06 6.04 -34.06
CA ASP C 167 17.97 6.71 -34.76
C ASP C 167 16.59 6.10 -34.51
N ASN C 168 16.49 4.77 -34.55
CA ASN C 168 15.25 4.09 -34.15
C ASN C 168 14.82 4.61 -32.79
N ALA C 169 15.69 4.42 -31.80
CA ALA C 169 15.42 4.86 -30.44
C ALA C 169 14.98 6.32 -30.35
N ASN C 170 15.67 7.22 -31.05
CA ASN C 170 15.31 8.64 -31.05
C ASN C 170 13.95 8.87 -31.71
N SER C 171 13.67 8.06 -32.73
CA SER C 171 12.40 8.07 -33.43
C SER C 171 11.26 7.63 -32.53
N MSE C 172 11.55 6.71 -31.60
CA MSE C 172 10.57 6.31 -30.61
C MSE C 172 10.26 7.45 -29.65
O MSE C 172 9.09 7.63 -29.26
CB MSE C 172 11.04 5.09 -29.84
CG MSE C 172 11.10 3.82 -30.64
SE MSE C 172 9.38 3.38 -31.45
CE MSE C 172 9.82 1.58 -32.10
N LEU C 173 11.28 8.23 -29.27
CA LEU C 173 11.06 9.42 -28.43
C LEU C 173 10.12 10.42 -29.12
N GLU C 174 10.38 10.68 -30.40
CA GLU C 174 9.61 11.66 -31.14
C GLU C 174 8.11 11.38 -31.17
N LYS C 175 7.74 10.10 -31.09
CA LYS C 175 6.34 9.72 -31.06
C LYS C 175 5.88 9.17 -29.70
N GLY C 176 6.52 9.65 -28.64
CA GLY C 176 6.10 9.35 -27.28
C GLY C 176 6.01 7.90 -26.83
N ASN C 177 6.52 6.99 -27.66
CA ASN C 177 6.41 5.56 -27.37
C ASN C 177 7.45 5.11 -26.36
N ILE C 178 7.16 5.31 -25.08
CA ILE C 178 8.07 4.91 -24.00
C ILE C 178 8.45 3.43 -24.09
N SER C 179 7.45 2.60 -24.31
CA SER C 179 7.62 1.16 -24.49
C SER C 179 8.68 0.88 -25.57
N GLY C 180 8.49 1.50 -26.73
CA GLY C 180 9.36 1.30 -27.88
C GLY C 180 10.76 1.82 -27.69
N TYR C 181 10.87 2.99 -27.05
CA TYR C 181 12.16 3.65 -26.82
C TYR C 181 13.10 2.80 -25.96
N LEU C 182 12.59 2.29 -24.85
CA LEU C 182 13.39 1.48 -23.93
C LEU C 182 13.90 0.20 -24.60
N LYS C 183 13.01 -0.51 -25.30
CA LYS C 183 13.38 -1.66 -26.13
C LYS C 183 14.43 -1.26 -27.16
N ALA C 184 14.18 -0.16 -27.86
CA ALA C 184 15.10 0.33 -28.89
C ALA C 184 16.49 0.64 -28.31
N ALA C 185 16.52 1.37 -27.20
CA ALA C 185 17.77 1.68 -26.51
C ALA C 185 18.47 0.41 -26.06
N ASN C 186 17.70 -0.54 -25.52
CA ASN C 186 18.23 -1.85 -25.17
C ASN C 186 18.91 -2.57 -26.34
N GLU C 187 18.29 -2.52 -27.53
CA GLU C 187 18.90 -3.10 -28.74
C GLU C 187 20.21 -2.40 -29.09
N LEU C 188 20.23 -1.08 -28.96
CA LEU C 188 21.43 -0.29 -29.19
C LEU C 188 22.53 -0.76 -28.25
N HIS C 189 22.24 -0.75 -26.95
CA HIS C 189 23.21 -1.21 -25.97
C HIS C 189 23.71 -2.61 -26.30
N LYS C 190 22.79 -3.56 -26.45
CA LYS C 190 23.13 -4.94 -26.79
C LYS C 190 24.09 -4.99 -27.97
N PHE C 191 23.74 -4.29 -29.04
CA PHE C 191 24.53 -4.29 -30.26
C PHE C 191 25.95 -3.77 -30.06
N MSE C 192 26.08 -2.66 -29.34
CA MSE C 192 27.39 -2.06 -29.10
C MSE C 192 28.26 -2.86 -28.14
O MSE C 192 29.49 -2.78 -28.20
CB MSE C 192 27.25 -0.62 -28.65
CG MSE C 192 26.88 0.31 -29.79
SE MSE C 192 26.69 2.12 -29.16
CE MSE C 192 28.56 2.59 -28.86
N LYS C 193 27.64 -3.64 -27.26
CA LYS C 193 28.38 -4.62 -26.47
C LYS C 193 28.96 -5.68 -27.40
N GLU C 194 28.09 -6.28 -28.22
CA GLU C 194 28.45 -7.35 -29.15
C GLU C 194 29.59 -6.94 -30.06
N LYS C 195 29.47 -5.78 -30.71
CA LYS C 195 30.54 -5.31 -31.60
C LYS C 195 31.61 -4.47 -30.88
N ASN C 196 31.49 -4.42 -29.55
CA ASN C 196 32.51 -3.84 -28.67
C ASN C 196 32.79 -2.36 -28.97
N LEU C 197 31.71 -1.57 -29.08
CA LEU C 197 31.84 -0.14 -29.33
C LEU C 197 31.43 0.65 -28.07
N LYS C 198 32.19 1.70 -27.76
CA LYS C 198 31.89 2.55 -26.62
C LYS C 198 31.20 3.85 -27.04
N GLU C 199 30.62 4.57 -26.07
CA GLU C 199 29.89 5.81 -26.34
C GLU C 199 30.74 6.86 -27.07
N ASP C 200 32.03 6.90 -26.76
CA ASP C 200 32.96 7.83 -27.41
C ASP C 200 33.13 7.55 -28.90
N ASP C 201 32.89 6.29 -29.30
CA ASP C 201 32.99 5.88 -30.69
C ASP C 201 31.80 6.37 -31.50
N LEU C 202 30.61 6.25 -30.93
CA LEU C 202 29.39 6.61 -31.66
C LEU C 202 29.17 8.12 -31.72
N ARG C 203 29.60 8.84 -30.68
CA ARG C 203 29.30 10.28 -30.57
C ARG C 203 29.59 11.11 -31.84
N PRO C 204 30.82 11.01 -32.38
CA PRO C 204 31.12 11.82 -33.58
C PRO C 204 30.20 11.51 -34.76
N GLU C 205 29.78 10.26 -34.91
CA GLU C 205 28.95 9.87 -36.03
C GLU C 205 27.51 10.34 -35.89
N LEU C 206 27.19 10.96 -34.74
CA LEU C 206 25.85 11.51 -34.49
C LEU C 206 25.82 13.02 -34.59
N SER C 207 26.86 13.60 -35.17
CA SER C 207 26.95 15.03 -35.44
C SER C 207 25.76 15.47 -36.31
N ASP C 208 25.37 14.56 -37.20
CA ASP C 208 24.27 14.73 -38.14
C ASP C 208 22.95 15.06 -37.45
N LYS C 209 22.69 14.41 -36.32
CA LYS C 209 21.37 14.42 -35.69
C LYS C 209 21.32 14.93 -34.26
N THR C 210 20.10 15.18 -33.78
CA THR C 210 19.90 15.73 -32.44
C THR C 210 18.65 15.16 -31.78
N ILE C 211 18.60 15.29 -30.46
CA ILE C 211 17.42 15.01 -29.67
C ILE C 211 16.55 16.28 -29.66
N SER C 212 15.27 16.14 -29.95
CA SER C 212 14.34 17.27 -29.95
C SER C 212 14.08 17.79 -28.53
N PRO C 213 13.61 19.04 -28.41
CA PRO C 213 13.12 19.50 -27.11
C PRO C 213 12.02 18.59 -26.51
N LYS C 214 11.17 18.01 -27.37
CA LYS C 214 10.19 17.01 -26.96
C LYS C 214 10.92 15.81 -26.37
N GLY C 215 11.89 15.28 -27.13
CA GLY C 215 12.69 14.15 -26.69
C GLY C 215 13.31 14.34 -25.30
N TYR C 216 13.85 15.53 -25.07
CA TYR C 216 14.46 15.82 -23.77
C TYR C 216 13.42 15.94 -22.68
N ALA C 217 12.25 16.50 -23.02
CA ALA C 217 11.14 16.59 -22.07
C ALA C 217 10.75 15.19 -21.60
N ILE C 218 10.68 14.25 -22.53
CA ILE C 218 10.40 12.85 -22.22
C ILE C 218 11.52 12.25 -21.40
N LEU C 219 12.75 12.45 -21.86
CA LEU C 219 13.93 11.90 -21.18
C LEU C 219 14.06 12.40 -19.74
N GLN C 220 13.75 13.68 -19.52
CA GLN C 220 13.78 14.25 -18.17
C GLN C 220 12.71 13.62 -17.28
N SER C 221 11.57 13.26 -17.86
CA SER C 221 10.49 12.65 -17.08
C SER C 221 10.89 11.23 -16.72
N LEU C 222 11.36 10.52 -17.75
CA LEU C 222 11.91 9.18 -17.62
C LEU C 222 12.91 9.23 -16.46
N TRP C 223 13.88 10.12 -16.55
CA TRP C 223 14.89 10.27 -15.50
C TRP C 223 14.26 10.56 -14.16
N GLY C 224 13.39 11.56 -14.12
CA GLY C 224 12.69 11.89 -12.88
C GLY C 224 12.01 10.68 -12.25
N ALA C 225 11.23 9.95 -13.06
CA ALA C 225 10.40 8.85 -12.55
C ALA C 225 11.25 7.70 -12.09
N ALA C 226 12.26 7.36 -12.89
CA ALA C 226 13.12 6.23 -12.61
C ALA C 226 13.96 6.50 -11.37
N SER C 227 14.40 7.73 -11.20
CA SER C 227 15.19 8.05 -10.03
C SER C 227 14.34 7.89 -8.78
N ASP C 228 13.14 8.47 -8.83
CA ASP C 228 12.16 8.35 -7.76
C ASP C 228 11.87 6.87 -7.47
N TYR C 229 11.44 6.13 -8.48
CA TYR C 229 11.10 4.72 -8.33
C TYR C 229 12.26 3.93 -7.68
N SER C 230 13.45 3.98 -8.29
CA SER C 230 14.61 3.25 -7.77
C SER C 230 14.85 3.47 -6.28
N ARG C 231 14.60 4.70 -5.79
CA ARG C 231 14.81 4.98 -4.38
C ARG C 231 13.63 4.58 -3.52
N ALA C 232 12.43 4.72 -4.06
CA ALA C 232 11.21 4.33 -3.35
C ALA C 232 11.07 2.81 -3.21
N ALA C 233 11.64 2.05 -4.15
CA ALA C 233 11.60 0.58 -4.07
C ALA C 233 12.60 0.03 -3.04
N ALA C 234 13.46 0.91 -2.52
CA ALA C 234 14.45 0.49 -1.55
C ALA C 234 13.87 0.55 -0.16
N THR C 235 13.37 -0.59 0.33
CA THR C 235 12.62 -0.60 1.59
C THR C 235 13.20 -1.53 2.68
N LEU C 236 12.53 -1.50 3.83
CA LEU C 236 12.83 -2.38 4.95
C LEU C 236 12.36 -3.80 4.68
N THR C 237 11.60 -3.99 3.59
CA THR C 237 11.27 -5.34 3.13
C THR C 237 12.39 -5.84 2.22
N GLU C 238 12.79 -5.02 1.27
CA GLU C 238 13.79 -5.41 0.28
C GLU C 238 14.30 -4.16 -0.44
N SER C 239 15.57 -4.18 -0.82
CA SER C 239 16.20 -3.02 -1.46
C SER C 239 17.26 -3.45 -2.44
N THR C 240 17.14 -4.65 -2.96
CA THR C 240 18.14 -5.23 -3.85
C THR C 240 17.67 -5.38 -5.30
N VAL C 241 16.65 -6.20 -5.51
CA VAL C 241 16.19 -6.57 -6.84
C VAL C 241 15.46 -5.43 -7.54
N GLU C 242 14.42 -4.88 -6.93
CA GLU C 242 13.63 -3.84 -7.59
C GLU C 242 14.42 -2.52 -7.87
N PRO C 243 15.08 -1.93 -6.86
CA PRO C 243 15.92 -0.77 -7.18
C PRO C 243 16.99 -1.12 -8.23
N GLY C 244 17.51 -2.34 -8.18
CA GLY C 244 18.51 -2.78 -9.15
C GLY C 244 17.99 -2.71 -10.58
N LEU C 245 16.89 -3.42 -10.81
CA LEU C 245 16.21 -3.39 -12.09
C LEU C 245 15.88 -1.95 -12.53
N VAL C 246 15.35 -1.15 -11.61
CA VAL C 246 14.93 0.21 -11.96
C VAL C 246 16.12 1.10 -12.32
N SER C 247 17.19 1.05 -11.53
CA SER C 247 18.42 1.77 -11.84
C SER C 247 18.98 1.40 -13.19
N ALA C 248 18.88 0.11 -13.52
CA ALA C 248 19.39 -0.39 -14.77
C ALA C 248 18.70 0.28 -15.95
N VAL C 249 17.37 0.27 -15.94
CA VAL C 249 16.58 0.99 -16.93
C VAL C 249 17.07 2.44 -17.03
N ASN C 250 17.23 3.06 -15.88
CA ASN C 250 17.75 4.41 -15.83
C ASN C 250 19.11 4.57 -16.52
N LYS C 251 20.04 3.66 -16.23
CA LYS C 251 21.37 3.71 -16.82
C LYS C 251 21.29 3.63 -18.33
N MSE C 252 20.36 2.82 -18.80
CA MSE C 252 20.22 2.54 -20.21
C MSE C 252 19.85 3.80 -20.94
O MSE C 252 20.45 4.14 -21.96
CB MSE C 252 19.17 1.46 -20.42
CG MSE C 252 19.31 0.69 -21.73
SE MSE C 252 17.63 -0.28 -22.03
CE MSE C 252 16.37 1.16 -21.71
N SER C 253 18.85 4.51 -20.44
CA SER C 253 18.50 5.81 -21.01
C SER C 253 19.66 6.81 -20.92
N ALA C 254 20.37 6.81 -19.80
CA ALA C 254 21.56 7.66 -19.66
C ALA C 254 22.60 7.29 -20.71
N PHE C 255 22.67 6.01 -21.06
CA PHE C 255 23.55 5.53 -22.12
C PHE C 255 23.17 6.12 -23.47
N PHE C 256 21.86 6.16 -23.74
CA PHE C 256 21.33 6.71 -24.97
C PHE C 256 21.76 8.16 -25.15
N MSE C 257 21.68 8.94 -24.07
CA MSE C 257 22.11 10.32 -24.07
C MSE C 257 23.62 10.47 -24.20
O MSE C 257 24.09 11.38 -24.87
CB MSE C 257 21.63 11.03 -22.82
CG MSE C 257 20.31 11.74 -23.00
SE MSE C 257 19.51 12.18 -21.29
CE MSE C 257 18.60 13.80 -21.81
N ASP C 258 24.36 9.58 -23.55
CA ASP C 258 25.82 9.56 -23.59
C ASP C 258 26.36 9.31 -24.99
N CYS C 259 25.62 8.54 -25.79
CA CYS C 259 26.02 8.28 -27.16
C CYS C 259 26.06 9.57 -27.96
N LYS C 260 25.14 10.47 -27.67
CA LYS C 260 25.03 11.74 -28.38
C LYS C 260 25.80 12.87 -27.70
N LEU C 261 25.91 12.84 -26.37
CA LEU C 261 26.37 14.00 -25.61
C LEU C 261 27.71 13.86 -24.89
N SER C 262 28.48 14.95 -24.92
CA SER C 262 29.72 15.07 -24.16
C SER C 262 29.42 15.19 -22.67
N PRO C 263 30.41 14.86 -21.81
CA PRO C 263 30.23 14.99 -20.36
C PRO C 263 29.70 16.35 -19.94
N ASN C 264 28.70 16.35 -19.06
CA ASN C 264 28.14 17.56 -18.44
C ASN C 264 27.42 18.53 -19.39
N GLU C 265 27.20 18.09 -20.63
CA GLU C 265 26.38 18.83 -21.57
C GLU C 265 24.93 18.67 -21.12
N ARG C 266 24.21 19.78 -20.98
CA ARG C 266 22.89 19.74 -20.34
C ARG C 266 21.80 19.42 -21.36
N ALA C 267 20.73 18.80 -20.91
CA ALA C 267 19.56 18.62 -21.78
C ALA C 267 18.81 19.94 -21.96
N THR C 268 18.08 20.07 -23.06
CA THR C 268 17.27 21.25 -23.35
C THR C 268 15.80 20.82 -23.57
N PRO C 269 15.09 20.52 -22.47
CA PRO C 269 13.71 20.01 -22.57
C PRO C 269 12.73 21.09 -22.99
N ASP C 270 11.64 20.68 -23.63
CA ASP C 270 10.53 21.59 -23.91
C ASP C 270 9.80 21.79 -22.59
N PRO C 271 9.87 23.00 -22.03
CA PRO C 271 9.29 23.21 -20.69
C PRO C 271 7.77 23.13 -20.72
N ASP C 272 7.20 23.18 -21.93
CA ASP C 272 5.76 23.17 -22.15
C ASP C 272 5.24 21.81 -22.56
N PHE C 273 6.12 20.83 -22.69
CA PHE C 273 5.70 19.48 -23.06
C PHE C 273 5.54 18.65 -21.81
N LYS C 274 4.30 18.43 -21.42
CA LYS C 274 4.00 17.58 -20.27
C LYS C 274 3.90 16.15 -20.74
N VAL C 275 4.49 15.24 -19.97
CA VAL C 275 4.22 13.81 -20.17
C VAL C 275 3.93 13.21 -18.80
N GLY C 276 2.86 12.43 -18.73
CA GLY C 276 2.36 11.87 -17.49
C GLY C 276 3.34 10.95 -16.79
N LYS C 277 3.62 11.26 -15.54
CA LYS C 277 4.45 10.42 -14.67
C LYS C 277 3.88 9.01 -14.59
N SER C 278 2.56 8.90 -14.52
CA SER C 278 1.89 7.62 -14.37
C SER C 278 2.11 6.78 -15.61
N LYS C 279 1.98 7.41 -16.78
CA LYS C 279 2.28 6.76 -18.05
C LYS C 279 3.74 6.34 -18.15
N ILE C 280 4.64 7.24 -17.77
CA ILE C 280 6.08 6.98 -17.72
C ILE C 280 6.41 5.77 -16.83
N LEU C 281 5.89 5.78 -15.60
CA LEU C 281 6.07 4.66 -14.67
C LEU C 281 5.60 3.30 -15.23
N VAL C 282 4.48 3.29 -15.94
CA VAL C 282 3.95 2.06 -16.52
C VAL C 282 4.86 1.53 -17.63
N GLY C 283 5.37 2.44 -18.46
CA GLY C 283 6.40 2.08 -19.44
C GLY C 283 7.58 1.38 -18.78
N ILE C 284 8.13 1.97 -17.73
CA ILE C 284 9.27 1.37 -17.03
C ILE C 284 8.93 -0.05 -16.60
N MSE C 285 7.81 -0.21 -15.89
CA MSE C 285 7.39 -1.52 -15.41
C MSE C 285 7.13 -2.49 -16.56
O MSE C 285 7.50 -3.66 -16.46
CB MSE C 285 6.18 -1.42 -14.49
CG MSE C 285 6.42 -0.54 -13.29
SE MSE C 285 4.80 0.00 -12.34
CE MSE C 285 3.72 0.64 -13.79
N GLN C 286 6.52 -2.01 -17.64
CA GLN C 286 6.37 -2.83 -18.85
C GLN C 286 7.73 -3.31 -19.34
N PHE C 287 8.67 -2.38 -19.49
CA PHE C 287 10.00 -2.77 -19.97
C PHE C 287 10.65 -3.78 -19.03
N ILE C 288 10.58 -3.53 -17.73
CA ILE C 288 11.17 -4.43 -16.73
C ILE C 288 10.58 -5.83 -16.86
N LYS C 289 9.27 -5.90 -17.06
CA LYS C 289 8.56 -7.16 -17.20
C LYS C 289 9.11 -7.97 -18.36
N ASP C 290 9.39 -7.29 -19.48
CA ASP C 290 9.89 -7.94 -20.69
C ASP C 290 11.34 -8.44 -20.56
N VAL C 291 12.10 -7.88 -19.63
CA VAL C 291 13.53 -8.17 -19.55
C VAL C 291 13.96 -8.89 -18.28
N ALA C 292 13.11 -8.86 -17.25
CA ALA C 292 13.37 -9.58 -16.01
C ALA C 292 13.39 -11.07 -16.27
N ASP C 293 14.21 -11.80 -15.52
CA ASP C 293 14.30 -13.25 -15.64
C ASP C 293 13.01 -13.92 -15.17
N PRO C 294 12.60 -15.02 -15.84
CA PRO C 294 11.40 -15.77 -15.42
C PRO C 294 11.39 -16.15 -13.94
N THR C 295 12.56 -16.41 -13.36
CA THR C 295 12.67 -16.85 -11.95
C THR C 295 12.98 -15.71 -10.99
N SER C 296 13.11 -14.49 -11.53
CA SER C 296 13.37 -13.32 -10.72
C SER C 296 12.27 -13.16 -9.70
N LYS C 297 12.67 -12.97 -8.45
CA LYS C 297 11.74 -12.69 -7.38
C LYS C 297 12.08 -11.35 -6.75
N ILE C 298 11.05 -10.59 -6.43
CA ILE C 298 11.13 -9.41 -5.60
C ILE C 298 10.43 -9.79 -4.31
N TRP C 299 11.20 -9.85 -3.23
CA TRP C 299 10.72 -10.36 -1.96
C TRP C 299 10.10 -11.74 -2.13
N MSE C 300 8.86 -11.89 -1.64
CA MSE C 300 8.13 -13.14 -1.64
C MSE C 300 7.53 -13.38 -3.02
O MSE C 300 7.21 -14.51 -3.36
CB MSE C 300 7.03 -13.07 -0.57
CG MSE C 300 6.27 -14.37 -0.25
SE MSE C 300 4.75 -14.08 1.01
CE MSE C 300 4.22 -15.97 1.27
N HIS C 301 7.38 -12.31 -3.80
CA HIS C 301 6.67 -12.36 -5.09
C HIS C 301 7.57 -12.46 -6.31
N ASN C 302 6.97 -12.89 -7.41
CA ASN C 302 7.60 -12.98 -8.71
C ASN C 302 7.71 -11.59 -9.35
N THR C 303 8.88 -11.26 -9.91
CA THR C 303 9.10 -9.94 -10.54
C THR C 303 8.03 -9.58 -11.57
N LYS C 304 7.93 -10.36 -12.65
CA LYS C 304 6.95 -10.10 -13.71
C LYS C 304 5.55 -9.90 -13.15
N ALA C 305 5.21 -10.70 -12.13
CA ALA C 305 3.92 -10.62 -11.46
C ALA C 305 3.74 -9.31 -10.70
N LEU C 306 4.71 -8.98 -9.85
CA LEU C 306 4.65 -7.75 -9.08
C LEU C 306 4.51 -6.55 -10.03
N MSE C 307 5.20 -6.61 -11.16
CA MSE C 307 5.11 -5.57 -12.17
C MSE C 307 3.66 -5.41 -12.66
O MSE C 307 3.17 -4.29 -12.74
CB MSE C 307 6.07 -5.83 -13.33
CG MSE C 307 7.56 -5.66 -12.98
SE MSE C 307 8.03 -3.99 -12.05
CE MSE C 307 7.90 -4.56 -10.18
N ASN C 308 3.00 -6.54 -12.92
CA ASN C 308 1.60 -6.53 -13.29
C ASN C 308 0.67 -5.94 -12.22
N HIS C 309 0.88 -6.31 -10.95
CA HIS C 309 0.10 -5.72 -9.86
C HIS C 309 0.29 -4.22 -9.81
N LYS C 310 1.56 -3.78 -9.79
CA LYS C 310 1.87 -2.36 -9.75
C LYS C 310 1.27 -1.57 -10.95
N ILE C 311 1.40 -2.13 -12.15
CA ILE C 311 0.78 -1.56 -13.34
C ILE C 311 -0.74 -1.45 -13.16
N ALA C 312 -1.35 -2.52 -12.65
CA ALA C 312 -2.81 -2.53 -12.46
C ALA C 312 -3.21 -1.50 -11.42
N ALA C 313 -2.38 -1.35 -10.39
CA ALA C 313 -2.60 -0.34 -9.35
C ALA C 313 -2.57 1.08 -9.90
N ILE C 314 -1.54 1.38 -10.71
CA ILE C 314 -1.42 2.72 -11.28
C ILE C 314 -2.58 3.02 -12.23
N GLN C 315 -2.92 2.07 -13.10
CA GLN C 315 -4.07 2.22 -13.99
C GLN C 315 -5.42 2.35 -13.26
N LYS C 316 -5.53 1.72 -12.09
CA LYS C 316 -6.67 1.92 -11.21
C LYS C 316 -6.72 3.35 -10.69
N LEU C 317 -5.57 3.85 -10.23
CA LEU C 317 -5.45 5.26 -9.83
C LEU C 317 -5.82 6.21 -10.98
N GLU C 318 -5.27 5.96 -12.17
CA GLU C 318 -5.57 6.73 -13.38
C GLU C 318 -7.09 6.82 -13.64
N ARG C 319 -7.76 5.67 -13.60
CA ARG C 319 -9.19 5.60 -13.91
C ARG C 319 -10.07 6.32 -12.89
N SER C 320 -9.68 6.29 -11.63
CA SER C 320 -10.47 6.93 -10.59
C SER C 320 -9.99 8.34 -10.26
N ASN C 321 -9.28 8.96 -11.21
CA ASN C 321 -8.77 10.34 -11.09
C ASN C 321 -8.12 10.61 -9.73
N ASN C 322 -7.13 9.77 -9.41
CA ASN C 322 -6.67 9.58 -8.06
C ASN C 322 -5.15 9.59 -7.99
N VAL C 323 -4.52 9.75 -9.14
CA VAL C 323 -3.06 9.72 -9.25
C VAL C 323 -2.42 11.05 -8.88
N ASN C 324 -1.46 10.98 -7.96
CA ASN C 324 -0.57 12.07 -7.60
C ASN C 324 0.67 11.45 -6.96
N ASP C 325 1.61 12.29 -6.51
CA ASP C 325 2.88 11.79 -5.99
C ASP C 325 2.77 10.87 -4.77
N GLU C 326 1.96 11.26 -3.79
CA GLU C 326 1.77 10.47 -2.56
C GLU C 326 1.17 9.11 -2.92
N THR C 327 0.18 9.16 -3.81
CA THR C 327 -0.53 7.98 -4.29
C THR C 327 0.36 7.02 -5.11
N LEU C 328 1.19 7.58 -5.99
CA LEU C 328 2.09 6.76 -6.79
C LEU C 328 3.19 6.15 -5.95
N GLU C 329 3.66 6.91 -4.95
CA GLU C 329 4.74 6.44 -4.10
C GLU C 329 4.29 5.22 -3.29
N SER C 330 3.03 5.20 -2.89
CA SER C 330 2.47 4.03 -2.23
C SER C 330 2.69 2.78 -3.06
N VAL C 331 2.43 2.86 -4.37
CA VAL C 331 2.61 1.71 -5.27
C VAL C 331 4.08 1.38 -5.42
N LEU C 332 4.88 2.39 -5.73
CA LEU C 332 6.31 2.21 -5.96
C LEU C 332 7.02 1.54 -4.78
N SER C 333 6.67 1.96 -3.56
CA SER C 333 7.34 1.46 -2.36
C SER C 333 6.79 0.13 -1.82
N SER C 334 5.87 -0.49 -2.54
CA SER C 334 5.17 -1.69 -2.06
C SER C 334 5.80 -2.97 -2.61
N LYS C 335 5.98 -3.96 -1.74
CA LYS C 335 6.38 -5.30 -2.18
C LYS C 335 5.20 -6.28 -2.19
N GLY C 336 3.99 -5.77 -1.95
CA GLY C 336 2.81 -6.62 -1.82
C GLY C 336 2.92 -7.46 -0.57
N GLU C 337 3.14 -6.81 0.57
CA GLU C 337 3.18 -7.48 1.86
C GLU C 337 1.78 -7.75 2.38
N ASN C 338 0.83 -6.91 1.96
CA ASN C 338 -0.57 -7.14 2.24
C ASN C 338 -1.06 -8.14 1.19
N LEU C 339 -0.94 -9.42 1.51
CA LEU C 339 -1.39 -10.51 0.63
C LEU C 339 -2.88 -10.42 0.29
N SER C 340 -3.71 -10.10 1.29
CA SER C 340 -5.15 -9.90 1.06
C SER C 340 -5.39 -8.84 -0.03
N GLU C 341 -4.67 -7.72 0.03
CA GLU C 341 -4.72 -6.76 -1.06
C GLU C 341 -4.17 -7.39 -2.33
N TYR C 342 -3.01 -8.03 -2.23
CA TYR C 342 -2.33 -8.63 -3.38
C TYR C 342 -3.20 -9.64 -4.14
N LEU C 343 -3.77 -10.60 -3.42
CA LEU C 343 -4.62 -11.62 -4.03
C LEU C 343 -6.01 -11.11 -4.47
N SER C 344 -6.30 -9.85 -4.16
CA SER C 344 -7.52 -9.21 -4.68
C SER C 344 -7.42 -9.03 -6.19
N TYR C 345 -6.20 -8.79 -6.69
CA TYR C 345 -5.95 -8.71 -8.14
C TYR C 345 -6.00 -10.10 -8.77
N SER D 25 12.84 -3.26 11.39
CA SER D 25 12.63 -3.65 9.97
C SER D 25 11.96 -5.03 9.88
N MSE D 26 12.00 -5.61 8.69
CA MSE D 26 11.37 -6.90 8.38
C MSE D 26 12.25 -7.61 7.36
O MSE D 26 11.78 -8.43 6.56
CB MSE D 26 9.96 -6.66 7.85
CG MSE D 26 9.16 -7.90 7.46
SE MSE D 26 7.26 -7.46 7.29
CE MSE D 26 6.97 -8.19 5.52
N ASN D 27 13.52 -7.23 7.35
CA ASN D 27 14.56 -7.93 6.63
C ASN D 27 15.58 -8.31 7.68
N PRO D 28 15.97 -9.59 7.72
CA PRO D 28 17.01 -10.02 8.65
C PRO D 28 18.35 -9.33 8.38
N GLU D 29 18.58 -8.88 7.15
CA GLU D 29 19.90 -8.35 6.74
C GLU D 29 20.26 -6.95 7.27
N TYR D 30 19.27 -6.20 7.75
CA TYR D 30 19.46 -4.84 8.26
C TYR D 30 18.22 -4.32 8.99
N ASP D 31 18.45 -3.63 10.10
CA ASP D 31 17.36 -3.07 10.91
C ASP D 31 16.91 -1.70 10.45
N TYR D 32 17.80 -0.98 9.75
CA TYR D 32 17.56 0.38 9.28
C TYR D 32 18.08 0.50 7.87
N LEU D 33 17.50 1.39 7.07
CA LEU D 33 17.99 1.61 5.72
C LEU D 33 18.03 3.11 5.41
N PHE D 34 19.23 3.68 5.39
CA PHE D 34 19.38 5.11 5.13
C PHE D 34 19.78 5.31 3.68
N LYS D 35 19.08 6.23 3.01
CA LYS D 35 19.25 6.45 1.58
C LYS D 35 19.97 7.75 1.33
N LEU D 36 21.12 7.65 0.67
CA LEU D 36 21.94 8.81 0.43
C LEU D 36 21.97 9.13 -1.03
N LEU D 37 21.96 10.43 -1.33
CA LEU D 37 22.01 10.95 -2.69
C LEU D 37 23.40 11.54 -2.90
N LEU D 38 24.10 11.10 -3.93
CA LEU D 38 25.41 11.67 -4.24
C LEU D 38 25.29 12.54 -5.47
N ILE D 39 25.24 13.86 -5.25
CA ILE D 39 25.07 14.81 -6.36
C ILE D 39 26.41 15.40 -6.84
N GLY D 40 26.64 15.31 -8.15
CA GLY D 40 27.87 15.81 -8.77
C GLY D 40 27.94 15.59 -10.27
N ASP D 41 28.74 16.44 -10.93
CA ASP D 41 28.96 16.37 -12.37
C ASP D 41 30.00 15.33 -12.67
N SER D 42 30.20 15.05 -13.96
CA SER D 42 31.32 14.22 -14.40
C SER D 42 32.69 14.88 -14.21
N GLY D 43 33.68 14.06 -13.88
CA GLY D 43 35.06 14.51 -13.68
C GLY D 43 35.28 15.32 -12.41
N VAL D 44 34.44 15.08 -11.41
CA VAL D 44 34.50 15.77 -10.13
C VAL D 44 35.03 14.81 -9.06
N GLY D 45 35.09 13.54 -9.41
CA GLY D 45 35.72 12.52 -8.57
C GLY D 45 34.79 11.83 -7.60
N LYS D 46 33.51 11.73 -7.94
CA LYS D 46 32.53 11.00 -7.13
C LYS D 46 33.04 9.59 -6.81
N SER D 47 33.67 8.95 -7.79
CA SER D 47 34.15 7.56 -7.63
C SER D 47 35.03 7.41 -6.40
N CYS D 48 35.85 8.42 -6.13
CA CYS D 48 36.71 8.41 -4.96
C CYS D 48 35.97 8.45 -3.61
N LEU D 49 34.75 8.97 -3.58
CA LEU D 49 34.04 9.10 -2.31
C LEU D 49 33.28 7.83 -1.97
N LEU D 50 33.36 6.84 -2.86
CA LEU D 50 32.58 5.61 -2.72
C LEU D 50 33.43 4.35 -2.54
N LEU D 51 34.67 4.48 -2.11
CA LEU D 51 35.57 3.32 -2.06
C LEU D 51 35.24 2.34 -0.94
N ARG D 52 34.51 2.83 0.07
CA ARG D 52 34.10 1.98 1.19
C ARG D 52 32.67 1.46 1.05
N PHE D 53 32.10 1.66 -0.12
CA PHE D 53 30.80 1.11 -0.49
C PHE D 53 31.08 0.04 -1.54
N ALA D 54 30.18 -0.92 -1.68
CA ALA D 54 30.38 -1.95 -2.71
C ALA D 54 29.17 -2.05 -3.61
N ASP D 55 29.38 -2.56 -4.82
CA ASP D 55 28.26 -2.98 -5.67
C ASP D 55 27.51 -4.09 -4.97
N ASP D 56 26.19 -4.04 -5.02
CA ASP D 56 25.39 -5.16 -4.57
C ASP D 56 25.76 -6.36 -5.43
N THR D 57 25.97 -7.50 -4.80
CA THR D 57 26.44 -8.65 -5.54
C THR D 57 25.29 -9.38 -6.22
N TYR D 58 24.06 -8.99 -5.91
CA TYR D 58 22.93 -9.57 -6.58
C TYR D 58 23.05 -9.33 -8.07
N THR D 59 22.77 -10.36 -8.87
CA THR D 59 22.67 -10.14 -10.30
C THR D 59 21.61 -10.99 -10.99
N GLU D 60 21.22 -10.51 -12.17
CA GLU D 60 20.14 -11.03 -12.98
C GLU D 60 20.50 -10.59 -14.40
N SER D 61 20.00 -11.33 -15.40
CA SER D 61 20.43 -11.14 -16.79
C SER D 61 20.59 -9.69 -17.23
N TYR D 62 19.53 -8.89 -17.07
CA TYR D 62 19.50 -7.53 -17.59
C TYR D 62 20.46 -6.59 -16.86
N ILE D 63 20.56 -6.75 -15.53
CA ILE D 63 21.45 -5.93 -14.72
C ILE D 63 22.92 -6.27 -14.99
N SER D 64 23.19 -7.53 -15.32
CA SER D 64 24.55 -7.91 -15.66
C SER D 64 25.05 -7.09 -16.85
N THR D 65 24.15 -6.77 -17.77
CA THR D 65 24.55 -6.14 -19.02
C THR D 65 24.86 -4.66 -18.86
N ILE D 66 24.33 -4.05 -17.81
CA ILE D 66 24.37 -2.60 -17.68
C ILE D 66 24.80 -2.12 -16.29
N GLY D 67 24.44 -2.89 -15.25
CA GLY D 67 24.73 -2.50 -13.88
C GLY D 67 23.78 -1.44 -13.33
N VAL D 68 24.04 -1.04 -12.09
CA VAL D 68 23.20 -0.10 -11.37
C VAL D 68 23.91 1.24 -11.12
N ASP D 69 23.26 2.16 -10.40
CA ASP D 69 23.87 3.46 -10.12
C ASP D 69 23.86 3.77 -8.64
N PHE D 70 23.68 2.73 -7.83
CA PHE D 70 23.76 2.85 -6.38
C PHE D 70 24.73 1.82 -5.84
N LYS D 71 25.30 2.09 -4.68
CA LYS D 71 26.18 1.12 -4.01
C LYS D 71 25.75 0.99 -2.57
N ILE D 72 26.26 -0.03 -1.88
CA ILE D 72 25.78 -0.33 -0.53
C ILE D 72 26.89 -0.75 0.44
N ARG D 73 26.54 -0.65 1.73
CA ARG D 73 27.39 -1.09 2.84
C ARG D 73 26.52 -1.13 4.09
N THR D 74 26.95 -1.87 5.10
CA THR D 74 26.27 -1.84 6.38
C THR D 74 27.22 -1.39 7.50
N ILE D 75 26.66 -0.77 8.54
CA ILE D 75 27.43 -0.41 9.72
C ILE D 75 26.62 -0.77 10.95
N GLU D 76 27.29 -0.95 12.07
CA GLU D 76 26.60 -1.24 13.32
C GLU D 76 26.52 0.00 14.19
N LEU D 77 25.30 0.37 14.60
CA LEU D 77 25.08 1.45 15.55
C LEU D 77 24.12 1.00 16.62
N ASP D 78 24.53 1.14 17.88
CA ASP D 78 23.68 0.77 19.01
C ASP D 78 23.23 -0.70 18.92
N GLY D 79 24.12 -1.57 18.48
CA GLY D 79 23.85 -3.00 18.42
C GLY D 79 22.90 -3.41 17.30
N LYS D 80 22.65 -2.50 16.37
CA LYS D 80 21.74 -2.75 15.26
C LYS D 80 22.42 -2.52 13.90
N THR D 81 21.97 -3.29 12.91
CA THR D 81 22.51 -3.18 11.54
C THR D 81 21.88 -2.04 10.75
N ILE D 82 22.72 -1.16 10.24
CA ILE D 82 22.25 -0.06 9.41
C ILE D 82 22.72 -0.18 7.96
N LYS D 83 21.79 -0.26 7.04
CA LYS D 83 22.15 -0.28 5.64
C LYS D 83 22.24 1.13 5.10
N LEU D 84 23.36 1.41 4.45
CA LEU D 84 23.59 2.67 3.81
C LEU D 84 23.56 2.39 2.31
N GLN D 85 22.59 2.99 1.63
CA GLN D 85 22.48 2.81 0.19
C GLN D 85 22.68 4.18 -0.48
N ILE D 86 23.68 4.28 -1.36
CA ILE D 86 24.03 5.56 -1.99
C ILE D 86 23.83 5.59 -3.52
N TRP D 87 23.11 6.60 -3.98
CA TRP D 87 22.81 6.75 -5.40
C TRP D 87 23.69 7.81 -6.06
N ASP D 88 24.55 7.37 -6.97
CA ASP D 88 25.20 8.30 -7.87
C ASP D 88 24.34 8.24 -9.13
N THR D 89 23.26 8.99 -9.12
CA THR D 89 22.16 8.81 -10.06
C THR D 89 22.59 8.96 -11.53
N ALA D 90 22.41 7.88 -12.28
CA ALA D 90 22.72 7.87 -13.70
C ALA D 90 21.94 8.97 -14.39
N GLY D 91 22.63 9.67 -15.29
CA GLY D 91 22.01 10.75 -16.07
C GLY D 91 21.83 12.10 -15.39
N GLN D 92 22.17 12.22 -14.10
CA GLN D 92 21.97 13.49 -13.35
C GLN D 92 22.61 14.76 -13.97
N GLU D 93 23.74 14.60 -14.64
CA GLU D 93 24.44 15.75 -15.25
C GLU D 93 23.62 16.36 -16.39
N ARG D 94 22.61 15.64 -16.86
CA ARG D 94 21.79 16.12 -17.97
C ARG D 94 20.67 17.05 -17.53
N PHE D 95 20.37 17.04 -16.24
CA PHE D 95 19.17 17.70 -15.72
C PHE D 95 19.46 18.40 -14.41
N ARG D 96 19.95 19.62 -14.50
CA ARG D 96 20.34 20.34 -13.29
C ARG D 96 19.27 21.31 -12.80
N THR D 97 18.03 21.09 -13.23
CA THR D 97 16.89 21.77 -12.63
C THR D 97 16.57 21.16 -11.27
N ILE D 98 16.71 21.96 -10.21
CA ILE D 98 16.54 21.43 -8.86
C ILE D 98 15.07 21.15 -8.53
N THR D 99 14.82 19.89 -8.23
CA THR D 99 13.51 19.31 -8.24
C THR D 99 13.41 18.37 -7.02
N SER D 100 12.21 17.88 -6.72
CA SER D 100 11.99 16.85 -5.70
C SER D 100 13.03 15.74 -5.77
N SER D 101 13.42 15.37 -6.99
CA SER D 101 14.37 14.27 -7.21
C SER D 101 15.79 14.62 -6.76
N TYR D 102 15.91 15.78 -6.12
CA TYR D 102 17.16 16.22 -5.52
C TYR D 102 16.98 16.39 -4.03
N TYR D 103 15.73 16.57 -3.58
CA TYR D 103 15.47 16.90 -2.18
C TYR D 103 14.31 16.15 -1.48
N ARG D 104 13.84 15.04 -2.06
CA ARG D 104 12.83 14.22 -1.40
C ARG D 104 13.16 12.74 -1.52
N GLY D 105 12.74 11.96 -0.52
CA GLY D 105 13.08 10.53 -0.47
C GLY D 105 14.58 10.27 -0.32
N ALA D 106 15.24 11.05 0.54
CA ALA D 106 16.61 10.79 0.92
C ALA D 106 16.82 11.22 2.37
N HIS D 107 17.61 10.43 3.10
CA HIS D 107 17.93 10.75 4.47
C HIS D 107 19.13 11.67 4.52
N GLY D 108 19.98 11.55 3.51
CA GLY D 108 21.14 12.42 3.39
C GLY D 108 21.50 12.75 1.96
N ILE D 109 22.05 13.94 1.77
CA ILE D 109 22.47 14.40 0.44
C ILE D 109 23.93 14.92 0.49
N ILE D 110 24.80 14.31 -0.29
CA ILE D 110 26.19 14.75 -0.39
C ILE D 110 26.39 15.45 -1.74
N VAL D 111 26.86 16.70 -1.72
CA VAL D 111 27.13 17.42 -2.96
C VAL D 111 28.65 17.60 -3.14
N VAL D 112 29.13 17.40 -4.37
CA VAL D 112 30.58 17.38 -4.65
C VAL D 112 31.01 18.27 -5.81
N TYR D 113 31.97 19.16 -5.53
CA TYR D 113 32.64 19.94 -6.57
C TYR D 113 34.14 19.57 -6.65
N ASP D 114 34.76 19.84 -7.79
CA ASP D 114 36.20 19.63 -7.99
C ASP D 114 36.88 20.90 -7.53
N VAL D 115 37.82 20.74 -6.61
CA VAL D 115 38.47 21.85 -5.93
C VAL D 115 39.32 22.73 -6.89
N THR D 116 39.55 22.22 -8.10
CA THR D 116 40.38 22.89 -9.08
C THR D 116 39.57 23.56 -10.19
N ASP D 117 38.25 23.40 -10.12
CA ASP D 117 37.35 23.89 -11.16
C ASP D 117 36.39 24.88 -10.51
N GLN D 118 36.47 26.13 -10.91
CA GLN D 118 35.69 27.18 -10.27
C GLN D 118 34.22 27.03 -10.64
N GLU D 119 33.96 26.67 -11.89
CA GLU D 119 32.60 26.45 -12.38
C GLU D 119 31.92 25.31 -11.62
N SER D 120 32.71 24.27 -11.32
CA SER D 120 32.29 23.18 -10.47
C SER D 120 31.71 23.71 -9.15
N PHE D 121 32.45 24.60 -8.49
CA PHE D 121 32.03 25.13 -7.21
C PHE D 121 30.80 26.03 -7.36
N ASN D 122 30.83 26.88 -8.38
CA ASN D 122 29.73 27.80 -8.63
C ASN D 122 28.42 27.02 -8.80
N ASN D 123 28.44 25.99 -9.65
CA ASN D 123 27.27 25.11 -9.82
C ASN D 123 26.73 24.48 -8.52
N VAL D 124 27.63 24.01 -7.67
CA VAL D 124 27.29 23.40 -6.38
C VAL D 124 26.69 24.41 -5.39
N LYS D 125 27.32 25.58 -5.21
CA LYS D 125 26.71 26.63 -4.39
C LYS D 125 25.24 26.77 -4.78
N GLN D 126 24.99 26.80 -6.09
CA GLN D 126 23.65 26.99 -6.61
C GLN D 126 22.76 25.81 -6.23
N TRP D 127 23.24 24.60 -6.47
CA TRP D 127 22.41 23.40 -6.21
C TRP D 127 22.13 23.20 -4.74
N LEU D 128 23.14 23.31 -3.88
CA LEU D 128 22.97 23.23 -2.43
C LEU D 128 21.97 24.25 -1.91
N GLN D 129 22.03 25.45 -2.45
CA GLN D 129 21.16 26.52 -2.02
C GLN D 129 19.73 26.09 -2.24
N GLU D 130 19.44 25.62 -3.44
CA GLU D 130 18.11 25.19 -3.80
C GLU D 130 17.68 23.95 -3.02
N ILE D 131 18.62 23.03 -2.83
CA ILE D 131 18.38 21.86 -1.99
C ILE D 131 18.07 22.28 -0.55
N ASP D 132 18.88 23.16 0.02
CA ASP D 132 18.63 23.57 1.39
C ASP D 132 17.27 24.24 1.54
N ARG D 133 16.86 25.00 0.52
CA ARG D 133 15.61 25.72 0.58
C ARG D 133 14.42 24.77 0.62
N TYR D 134 14.47 23.71 -0.17
CA TYR D 134 13.30 22.85 -0.36
C TYR D 134 13.36 21.49 0.32
N ALA D 135 14.57 21.01 0.61
CA ALA D 135 14.73 19.77 1.38
C ALA D 135 14.14 19.95 2.77
N SER D 136 13.54 18.87 3.28
CA SER D 136 13.07 18.80 4.66
C SER D 136 14.16 19.21 5.64
N GLU D 137 13.74 19.67 6.81
CA GLU D 137 14.69 19.98 7.89
C GLU D 137 15.41 18.71 8.35
N ASN D 138 14.65 17.62 8.43
CA ASN D 138 15.19 16.31 8.79
C ASN D 138 16.39 15.87 7.94
N VAL D 139 16.36 16.14 6.64
CA VAL D 139 17.37 15.57 5.73
C VAL D 139 18.78 16.15 5.91
N ASN D 140 19.75 15.24 5.97
CA ASN D 140 21.14 15.51 6.30
C ASN D 140 21.97 15.88 5.06
N LYS D 141 22.78 16.93 5.16
CA LYS D 141 23.49 17.46 4.01
C LYS D 141 25.00 17.56 4.23
N LEU D 142 25.76 17.30 3.17
CA LEU D 142 27.23 17.37 3.24
C LEU D 142 27.76 18.00 1.98
N LEU D 143 28.65 19.00 2.16
CA LEU D 143 29.32 19.64 1.05
C LEU D 143 30.72 19.07 0.94
N VAL D 144 31.11 18.64 -0.26
CA VAL D 144 32.42 18.00 -0.44
C VAL D 144 33.28 18.64 -1.53
N GLY D 145 34.39 19.23 -1.10
CA GLY D 145 35.41 19.71 -2.01
C GLY D 145 36.39 18.58 -2.24
N ASN D 146 36.36 18.01 -3.43
CA ASN D 146 37.17 16.85 -3.74
C ASN D 146 38.60 17.19 -4.20
N LYS D 147 39.58 16.65 -3.48
CA LYS D 147 40.98 16.72 -3.91
C LYS D 147 41.38 15.41 -4.60
N CYS D 148 40.36 14.71 -5.11
CA CYS D 148 40.48 13.48 -5.90
C CYS D 148 41.89 13.15 -6.40
N ASP D 149 42.21 13.54 -7.62
CA ASP D 149 43.51 13.23 -8.22
C ASP D 149 44.02 14.45 -8.94
N LEU D 150 44.40 15.47 -8.17
CA LEU D 150 44.87 16.74 -8.69
C LEU D 150 45.97 16.56 -9.74
N THR D 151 45.81 17.27 -10.86
CA THR D 151 46.84 17.37 -11.89
C THR D 151 46.98 18.85 -12.27
N THR D 152 46.34 19.71 -11.47
CA THR D 152 46.34 21.15 -11.68
C THR D 152 46.15 21.86 -10.33
N LYS D 153 46.49 23.14 -10.26
CA LYS D 153 46.46 23.88 -9.00
C LYS D 153 45.04 24.12 -8.47
N LYS D 154 44.90 24.07 -7.15
CA LYS D 154 43.64 24.29 -6.47
C LYS D 154 43.21 25.75 -6.55
N VAL D 155 41.96 25.99 -6.90
CA VAL D 155 41.46 27.33 -7.19
C VAL D 155 40.44 27.81 -6.15
N VAL D 156 39.64 26.89 -5.62
CA VAL D 156 38.66 27.23 -4.60
C VAL D 156 39.29 27.11 -3.22
N ASP D 157 39.53 28.25 -2.58
CA ASP D 157 40.05 28.30 -1.20
C ASP D 157 39.13 27.56 -0.24
N TYR D 158 39.72 26.77 0.64
CA TYR D 158 38.98 26.15 1.74
C TYR D 158 38.04 27.13 2.43
N THR D 159 38.58 28.26 2.89
CA THR D 159 37.77 29.31 3.51
C THR D 159 36.57 29.77 2.65
N THR D 160 36.73 29.81 1.32
CA THR D 160 35.59 30.18 0.46
C THR D 160 34.45 29.16 0.60
N ALA D 161 34.76 27.88 0.42
CA ALA D 161 33.78 26.84 0.62
C ALA D 161 33.27 26.82 2.06
N LYS D 162 34.19 26.84 3.02
CA LYS D 162 33.83 26.79 4.45
C LYS D 162 32.81 27.85 4.83
N GLU D 163 33.00 29.06 4.31
CA GLU D 163 32.10 30.18 4.59
C GLU D 163 30.72 29.90 4.05
N PHE D 164 30.66 29.49 2.78
CA PHE D 164 29.41 29.21 2.11
C PHE D 164 28.62 28.11 2.79
N ALA D 165 29.29 27.02 3.15
CA ALA D 165 28.63 25.89 3.79
C ALA D 165 28.06 26.34 5.13
N ASP D 166 28.89 27.05 5.90
CA ASP D 166 28.46 27.61 7.19
C ASP D 166 27.16 28.40 7.07
N SER D 167 27.04 29.18 6.00
CA SER D 167 25.91 30.09 5.83
C SER D 167 24.57 29.37 5.76
N LEU D 168 24.59 28.14 5.26
CA LEU D 168 23.40 27.30 5.22
C LEU D 168 23.40 26.25 6.35
N GLY D 169 24.28 26.42 7.32
CA GLY D 169 24.41 25.48 8.42
C GLY D 169 24.67 24.04 8.00
N ILE D 170 25.49 23.83 6.97
CA ILE D 170 25.82 22.50 6.46
C ILE D 170 27.32 22.24 6.67
N PRO D 171 27.67 21.02 7.14
CA PRO D 171 29.08 20.59 7.26
C PRO D 171 29.82 20.60 5.92
N PHE D 172 31.11 20.92 5.97
CA PHE D 172 31.94 20.92 4.78
C PHE D 172 33.11 19.96 4.98
N LEU D 173 33.70 19.50 3.88
CA LEU D 173 34.79 18.54 3.92
C LEU D 173 35.65 18.62 2.65
N GLU D 174 36.93 18.91 2.83
CA GLU D 174 37.88 18.76 1.74
C GLU D 174 38.58 17.42 1.88
N THR D 175 38.06 16.42 1.18
CA THR D 175 38.63 15.07 1.26
C THR D 175 40.02 15.10 0.70
N SER D 176 40.97 14.60 1.50
CA SER D 176 42.37 14.50 1.10
C SER D 176 42.54 13.78 -0.22
N ALA D 177 41.72 12.73 -0.42
CA ALA D 177 41.72 11.94 -1.65
C ALA D 177 40.68 10.80 -1.63
N LYS D 178 41.15 9.58 -1.33
CA LYS D 178 40.39 8.35 -1.53
C LYS D 178 40.02 7.66 -0.20
N ASN D 179 40.90 6.79 0.30
CA ASN D 179 40.71 6.14 1.60
C ASN D 179 41.01 7.07 2.78
N ALA D 180 40.80 8.36 2.59
CA ALA D 180 41.10 9.36 3.60
C ALA D 180 40.14 9.23 4.79
N THR D 181 40.72 9.15 5.99
CA THR D 181 39.97 9.02 7.24
C THR D 181 38.81 10.01 7.35
N ASN D 182 39.08 11.26 6.97
CA ASN D 182 38.13 12.35 7.14
C ASN D 182 36.82 12.13 6.41
N VAL D 183 36.88 11.49 5.25
CA VAL D 183 35.69 11.22 4.44
C VAL D 183 34.88 10.10 5.06
N GLU D 184 35.58 9.13 5.63
CA GLU D 184 34.96 8.02 6.31
C GLU D 184 34.24 8.48 7.57
N GLN D 185 34.83 9.44 8.27
CA GLN D 185 34.23 9.99 9.49
C GLN D 185 32.95 10.75 9.18
N SER D 186 32.94 11.44 8.04
CA SER D 186 31.76 12.17 7.56
C SER D 186 30.53 11.28 7.36
N PHE D 187 30.72 10.13 6.72
CA PHE D 187 29.63 9.18 6.57
C PHE D 187 29.15 8.67 7.93
N MSE D 188 30.10 8.39 8.82
CA MSE D 188 29.79 7.92 10.16
C MSE D 188 28.98 8.95 10.95
O MSE D 188 28.02 8.60 11.63
CB MSE D 188 31.06 7.54 10.91
CG MSE D 188 31.84 6.39 10.27
SE MSE D 188 30.74 4.82 9.93
CE MSE D 188 30.43 4.27 11.79
N THR D 189 29.38 10.21 10.85
CA THR D 189 28.69 11.31 11.52
C THR D 189 27.27 11.45 10.96
N MSE D 190 27.19 11.37 9.63
CA MSE D 190 25.91 11.42 8.93
C MSE D 190 25.01 10.25 9.32
O MSE D 190 23.83 10.44 9.64
CB MSE D 190 26.14 11.43 7.43
CG MSE D 190 24.87 11.23 6.65
SE MSE D 190 25.03 11.76 4.81
CE MSE D 190 25.27 13.69 5.05
N ALA D 191 25.57 9.04 9.33
CA ALA D 191 24.80 7.83 9.68
C ALA D 191 24.28 7.91 11.10
N ALA D 192 25.08 8.48 12.00
CA ALA D 192 24.70 8.63 13.40
C ALA D 192 23.62 9.67 13.59
N GLU D 193 23.71 10.77 12.85
CA GLU D 193 22.73 11.86 12.96
C GLU D 193 21.37 11.50 12.39
N ILE D 194 21.37 10.77 11.27
CA ILE D 194 20.15 10.24 10.69
C ILE D 194 19.47 9.28 11.69
N LYS D 195 20.24 8.37 12.25
CA LYS D 195 19.73 7.38 13.21
C LYS D 195 19.25 8.04 14.51
N LYS D 196 19.86 9.17 14.86
CA LYS D 196 19.48 9.93 16.06
C LYS D 196 18.09 10.53 15.93
N ARG D 197 17.73 10.98 14.73
CA ARG D 197 16.45 11.64 14.51
C ARG D 197 15.29 10.65 14.28
N MSE D 198 15.46 9.43 14.76
CA MSE D 198 14.43 8.40 14.62
C MSE D 198 13.96 7.87 15.97
O MSE D 198 14.24 6.74 16.36
CB MSE D 198 14.92 7.28 13.70
CG MSE D 198 15.74 7.78 12.51
SE MSE D 198 15.31 6.97 10.79
CE MSE D 198 15.05 5.15 11.39
S SO4 E . 4.42 0.06 16.97
O1 SO4 E . 5.12 -0.78 16.00
O2 SO4 E . 5.03 1.38 17.05
O3 SO4 E . 3.04 0.22 16.53
O4 SO4 E . 4.40 -0.61 18.26
S SO4 F . -31.31 -16.03 16.42
O1 SO4 F . -30.65 -16.00 15.12
O2 SO4 F . -30.44 -15.42 17.43
O3 SO4 F . -32.54 -15.25 16.33
O4 SO4 F . -31.62 -17.41 16.79
S SO4 G . 3.47 -14.44 -6.99
O1 SO4 G . 4.81 -15.03 -7.15
O2 SO4 G . 2.91 -14.79 -5.70
O3 SO4 G . 3.54 -12.98 -7.07
O4 SO4 G . 2.60 -14.90 -8.08
CL CL H . 63.32 9.22 -64.37
CL CL I . 57.32 16.56 -42.70
S SO4 J . 33.88 10.70 -11.78
O1 SO4 J . 33.33 10.60 -13.13
O2 SO4 J . 35.32 10.89 -11.84
O3 SO4 J . 33.26 11.86 -11.11
O4 SO4 J . 33.56 9.48 -11.04
#